data_6ZMS
#
_entry.id   6ZMS
#
loop_
_entity.id
_entity.type
_entity.pdbx_description
1 polymer 'Capsid protein VP1'
2 polymer 'Capsid protein VP2'
3 polymer 'Capsid protein VP3'
4 polymer 'Capsid protein VP4'
#
loop_
_entity_poly.entity_id
_entity_poly.type
_entity_poly.pdbx_seq_one_letter_code
_entity_poly.pdbx_strand_id
1 'polypeptide(L)'
;MGRVADTIARGPSNSEQIPALTAVETGHTSQVDPSDTMQTRHVHNYHSRSESSIENFLCRSACVIYIKYSSAESNNLKRY
AEWVINTRQVAQLRRKMEMFTYIRCDMELTFVITSHQEMSTATNSDVPVQTHQIMYVPPGGPVPTSVNDYVWQTSTNPSI
FWTEGNAPPRMSIPFMSIGNAYTMFYDGWSNFSRDGIYGYNSLNNMGTIYARHVNDSSPGGLTSTIRIYFKPKHVKAYVP
RPPRLCQYKKAKNVNFDVEAVTTERASLVTT
;
A
2 'polypeptide(L)'
;SDRVRSITLGNSTITTQECANVVVGYGVWPDYLSDEEATAEDQPTQPDVATCRFYTLNSVKWEMQSAGWWWKFPDALSEM
GLFGQNMQYHYLGRSGYTIHVQCNASKFHQGCLLVVCVPEAEMGCTNAENAPTYGDLCGGETAKQFEQNAVTGETAVQTA
VCNAGMGVGVGNLTIYPHQWINLRTNNSATIVMPYINSVPMDNMFRHNNFTLMIIPFAPLDYVTGASSYIPITVTVAPMS
AEYNGLRLAGHQ
;
B
3 'polypeptide(L)'
;GLPTMLTPGSTQFLTSDDFQSPSAMPQFDVTPEMNIPGQVRNLMEIAEVDSVVPINNLQANLKTMEAYRVQVRSTDEMGG
QIFGFPLQPGASSVLQRTLLGEILNYYTHWSGSLKLTFVFCGSAMATGKFLLAYSPPGAGAPDSRKNAMLGTHVIWDVGL
QSSCVLCVPWISQTHYRYVVDDKYTASGFISCWYQTNVIVPAEAQKSCYIMCFVSACNDFSVRMLRDTQFIKQDTFYQ
;
C
4 'polypeptide(L)' MGAQVSTQKTGAHETSLSASGNSIIHYTNINYYKDAASNSANRQDFTQDPSKFTEPVKDVMIKSLPALN D
#
# COMPACT_ATOMS: atom_id res chain seq x y z
N MET A 1 -18.27 17.20 -8.89
CA MET A 1 -18.15 16.23 -7.76
C MET A 1 -17.82 14.86 -8.29
N GLY A 2 -17.75 13.88 -7.36
CA GLY A 2 -17.40 12.51 -7.65
C GLY A 2 -18.62 11.69 -7.45
N ARG A 3 -18.91 10.81 -8.43
CA ARG A 3 -19.97 9.86 -8.39
C ARG A 3 -19.52 8.70 -9.20
N VAL A 4 -20.07 7.52 -8.86
CA VAL A 4 -19.89 6.27 -9.54
C VAL A 4 -20.41 6.33 -10.94
N ALA A 5 -19.82 5.51 -11.84
CA ALA A 5 -20.27 5.34 -13.20
C ALA A 5 -21.63 4.69 -13.23
N ASP A 6 -22.46 5.08 -14.21
CA ASP A 6 -23.76 4.51 -14.45
C ASP A 6 -23.59 3.20 -15.14
N THR A 7 -24.56 2.28 -14.96
CA THR A 7 -24.62 1.04 -15.70
C THR A 7 -25.43 1.38 -16.91
N ILE A 8 -25.03 0.86 -18.09
CA ILE A 8 -25.65 1.19 -19.35
C ILE A 8 -26.17 -0.10 -19.89
N ALA A 9 -27.39 -0.05 -20.47
CA ALA A 9 -28.06 -1.20 -21.03
C ALA A 9 -27.34 -1.72 -22.23
N ARG A 10 -27.41 -3.04 -22.48
CA ARG A 10 -27.04 -3.59 -23.76
C ARG A 10 -27.94 -4.75 -23.96
N GLY A 11 -28.18 -5.09 -25.25
CA GLY A 11 -28.95 -6.25 -25.64
C GLY A 11 -28.01 -7.42 -25.75
N PRO A 12 -28.46 -8.59 -26.17
CA PRO A 12 -27.59 -9.70 -26.52
C PRO A 12 -26.63 -9.34 -27.61
N SER A 13 -25.46 -10.01 -27.65
CA SER A 13 -24.45 -9.74 -28.62
C SER A 13 -23.95 -11.08 -29.06
N ASN A 14 -23.29 -11.12 -30.23
CA ASN A 14 -22.81 -12.35 -30.79
C ASN A 14 -21.83 -11.90 -31.81
N SER A 15 -20.79 -11.18 -31.35
CA SER A 15 -19.87 -10.46 -32.19
C SER A 15 -18.50 -10.99 -31.93
N GLU A 16 -17.50 -10.42 -32.63
CA GLU A 16 -16.13 -10.83 -32.58
C GLU A 16 -15.36 -9.92 -31.66
N GLN A 17 -16.08 -9.11 -30.85
CA GLN A 17 -15.48 -8.32 -29.80
C GLN A 17 -15.52 -9.17 -28.58
N ILE A 18 -14.37 -9.32 -27.88
CA ILE A 18 -14.32 -10.02 -26.62
C ILE A 18 -13.87 -8.99 -25.63
N PRO A 19 -14.74 -8.46 -24.78
CA PRO A 19 -14.34 -7.67 -23.64
C PRO A 19 -13.85 -8.58 -22.54
N ALA A 20 -14.51 -9.76 -22.35
CA ALA A 20 -14.26 -10.65 -21.24
C ALA A 20 -12.87 -11.19 -21.20
N LEU A 21 -12.32 -11.67 -22.35
CA LEU A 21 -10.95 -12.11 -22.43
C LEU A 21 -10.00 -10.95 -22.33
N THR A 22 -8.86 -11.18 -21.68
CA THR A 22 -7.90 -10.17 -21.36
C THR A 22 -6.65 -10.96 -21.15
N ALA A 23 -5.50 -10.29 -20.96
CA ALA A 23 -4.29 -10.94 -20.56
C ALA A 23 -3.80 -10.14 -19.40
N VAL A 24 -3.63 -10.80 -18.24
CA VAL A 24 -3.10 -10.18 -17.05
C VAL A 24 -1.70 -10.69 -16.99
N GLU A 25 -0.93 -10.31 -18.03
CA GLU A 25 0.46 -10.57 -18.18
C GLU A 25 1.08 -9.22 -18.29
N THR A 26 0.29 -8.19 -17.93
CA THR A 26 0.61 -6.81 -18.05
C THR A 26 0.07 -6.26 -16.77
N GLY A 27 0.46 -5.02 -16.44
CA GLY A 27 0.02 -4.35 -15.26
C GLY A 27 -1.39 -3.87 -15.42
N HIS A 28 -1.84 -3.75 -16.69
CA HIS A 28 -3.16 -3.36 -17.07
C HIS A 28 -4.16 -4.36 -16.58
N THR A 29 -5.03 -3.92 -15.65
CA THR A 29 -6.09 -4.71 -15.11
C THR A 29 -7.25 -4.53 -16.04
N SER A 30 -8.17 -5.51 -16.09
CA SER A 30 -9.36 -5.46 -16.91
C SER A 30 -10.23 -4.30 -16.53
N GLN A 31 -10.92 -3.71 -17.51
CA GLN A 31 -11.74 -2.52 -17.32
C GLN A 31 -13.17 -2.86 -17.57
N VAL A 32 -13.52 -4.16 -17.60
CA VAL A 32 -14.87 -4.60 -17.90
C VAL A 32 -15.87 -4.10 -16.90
N ASP A 33 -17.05 -3.75 -17.44
CA ASP A 33 -18.19 -3.31 -16.71
C ASP A 33 -19.03 -4.55 -16.53
N PRO A 34 -20.07 -4.59 -15.70
CA PRO A 34 -21.02 -5.68 -15.70
C PRO A 34 -21.93 -5.57 -16.90
N SER A 35 -21.66 -4.65 -17.85
CA SER A 35 -22.45 -4.42 -19.02
C SER A 35 -21.78 -5.10 -20.16
N ASP A 36 -20.85 -6.05 -19.88
CA ASP A 36 -20.02 -6.66 -20.88
C ASP A 36 -20.06 -8.15 -20.74
N THR A 37 -20.77 -8.68 -19.71
CA THR A 37 -20.80 -10.11 -19.46
C THR A 37 -22.24 -10.52 -19.31
N MET A 38 -23.17 -9.55 -19.17
CA MET A 38 -24.57 -9.85 -19.21
C MET A 38 -25.21 -8.57 -19.58
N GLN A 39 -26.51 -8.65 -19.94
CA GLN A 39 -27.23 -7.61 -20.59
C GLN A 39 -27.37 -6.32 -19.84
N THR A 40 -27.71 -6.39 -18.54
CA THR A 40 -28.01 -5.25 -17.68
C THR A 40 -29.05 -4.30 -18.22
N ARG A 41 -29.32 -3.23 -17.46
CA ARG A 41 -30.33 -2.24 -17.73
C ARG A 41 -29.70 -0.96 -17.34
N HIS A 42 -30.30 0.17 -17.77
CA HIS A 42 -29.79 1.47 -17.44
C HIS A 42 -30.16 1.77 -16.01
N VAL A 43 -29.14 2.01 -15.17
CA VAL A 43 -29.32 2.34 -13.78
C VAL A 43 -28.58 3.61 -13.64
N HIS A 44 -29.30 4.70 -13.28
CA HIS A 44 -28.70 5.97 -13.00
C HIS A 44 -28.34 5.86 -11.56
N ASN A 45 -27.04 6.04 -11.25
CA ASN A 45 -26.46 5.59 -10.02
C ASN A 45 -25.92 6.81 -9.35
N TYR A 46 -26.33 7.05 -8.09
CA TYR A 46 -26.11 8.30 -7.41
C TYR A 46 -25.11 8.17 -6.30
N HIS A 47 -24.48 6.98 -6.13
CA HIS A 47 -23.53 6.76 -5.07
C HIS A 47 -22.33 7.65 -5.23
N SER A 48 -21.74 8.10 -4.12
CA SER A 48 -20.63 9.02 -4.16
C SER A 48 -19.50 8.33 -3.48
N ARG A 49 -18.28 8.60 -3.97
CA ARG A 49 -17.06 8.11 -3.41
C ARG A 49 -16.51 9.24 -2.61
N SER A 50 -17.27 9.69 -1.60
CA SER A 50 -16.99 10.91 -0.89
C SER A 50 -16.41 10.64 0.46
N GLU A 51 -16.42 9.37 0.92
CA GLU A 51 -15.88 9.03 2.21
C GLU A 51 -14.67 8.18 2.03
N SER A 52 -14.24 8.01 0.77
CA SER A 52 -13.10 7.20 0.43
C SER A 52 -12.05 8.08 -0.17
N SER A 53 -12.08 9.41 0.09
CA SER A 53 -11.01 10.31 -0.24
C SER A 53 -9.91 10.07 0.74
N ILE A 54 -8.73 10.71 0.57
CA ILE A 54 -7.64 10.55 1.50
C ILE A 54 -7.72 11.65 2.52
N GLU A 55 -8.70 12.57 2.40
CA GLU A 55 -8.94 13.61 3.36
C GLU A 55 -10.26 13.35 4.02
N ASN A 56 -10.70 12.09 4.01
CA ASN A 56 -11.78 11.66 4.86
C ASN A 56 -11.30 10.40 5.47
N PHE A 57 -10.41 9.68 4.78
CA PHE A 57 -9.79 8.49 5.30
C PHE A 57 -8.89 8.77 6.47
N LEU A 58 -8.03 9.81 6.36
CA LEU A 58 -6.97 10.04 7.31
C LEU A 58 -7.30 11.17 8.21
N CYS A 59 -8.48 11.80 8.06
CA CYS A 59 -8.72 13.10 8.60
C CYS A 59 -9.56 12.99 9.85
N ARG A 60 -9.46 11.87 10.59
CA ARG A 60 -10.11 11.71 11.85
C ARG A 60 -9.02 11.54 12.86
N SER A 61 -9.17 12.18 14.03
CA SER A 61 -8.21 12.19 15.12
C SER A 61 -7.98 10.81 15.64
N ALA A 62 -6.74 10.48 16.07
CA ALA A 62 -6.44 9.19 16.61
C ALA A 62 -5.33 9.37 17.60
N CYS A 63 -5.40 8.65 18.74
CA CYS A 63 -4.43 8.68 19.82
C CYS A 63 -3.10 8.19 19.33
N VAL A 64 -1.98 8.74 19.85
CA VAL A 64 -0.67 8.38 19.39
C VAL A 64 0.26 8.10 20.53
N ILE A 65 -0.16 8.18 21.83
CA ILE A 65 0.68 7.92 22.99
C ILE A 65 -0.07 8.47 24.16
N TYR A 66 0.18 7.92 25.38
CA TYR A 66 -0.04 8.65 26.61
C TYR A 66 1.19 8.62 27.44
N ILE A 67 1.46 9.74 28.15
CA ILE A 67 2.59 9.89 29.02
C ILE A 67 1.97 10.21 30.35
N LYS A 68 2.53 9.66 31.45
CA LYS A 68 2.07 9.92 32.79
C LYS A 68 3.18 10.63 33.50
N TYR A 69 2.81 11.53 34.43
CA TYR A 69 3.74 12.29 35.21
C TYR A 69 3.00 12.62 36.46
N SER A 70 3.72 12.96 37.54
CA SER A 70 3.15 12.98 38.86
C SER A 70 3.62 14.22 39.55
N SER A 71 2.95 14.58 40.66
CA SER A 71 3.24 15.76 41.44
C SER A 71 3.87 15.32 42.72
N ALA A 72 4.40 14.09 42.79
CA ALA A 72 4.97 13.59 44.01
C ALA A 72 5.75 12.37 43.71
N GLU A 73 5.74 11.89 42.44
CA GLU A 73 6.49 10.75 41.97
C GLU A 73 5.90 9.49 42.52
N SER A 74 4.75 9.08 41.94
CA SER A 74 3.92 7.99 42.42
C SER A 74 4.66 6.68 42.44
N ASN A 75 5.42 6.40 41.37
CA ASN A 75 6.01 5.11 41.17
C ASN A 75 6.69 5.20 39.84
N ASN A 76 7.79 5.97 39.80
CA ASN A 76 8.70 6.06 38.68
C ASN A 76 8.07 6.82 37.56
N LEU A 77 7.34 7.91 37.87
CA LEU A 77 6.66 8.68 36.86
C LEU A 77 7.34 9.99 36.66
N LYS A 78 8.38 10.32 37.48
CA LYS A 78 9.05 11.60 37.46
C LYS A 78 8.07 12.72 37.72
N ARG A 79 8.42 13.97 37.38
CA ARG A 79 7.54 15.09 37.57
C ARG A 79 7.32 15.78 36.26
N TYR A 80 7.69 15.14 35.15
CA TYR A 80 7.49 15.72 33.85
C TYR A 80 7.43 14.58 32.89
N ALA A 81 6.94 14.85 31.67
CA ALA A 81 6.54 13.86 30.72
C ALA A 81 7.71 13.38 29.94
N GLU A 82 7.98 13.99 28.76
CA GLU A 82 8.99 13.61 27.80
C GLU A 82 8.45 12.56 26.90
N TRP A 83 8.66 12.70 25.57
CA TRP A 83 8.22 11.76 24.59
C TRP A 83 8.68 12.29 23.29
N VAL A 84 9.55 11.53 22.60
CA VAL A 84 10.11 11.89 21.32
C VAL A 84 9.07 11.55 20.31
N ILE A 85 8.64 12.56 19.52
CA ILE A 85 7.53 12.47 18.60
C ILE A 85 7.79 11.45 17.53
N ASN A 86 6.79 10.57 17.31
CA ASN A 86 6.73 9.66 16.20
C ASN A 86 5.30 9.21 16.16
N THR A 87 4.90 8.47 15.11
CA THR A 87 3.54 8.03 14.93
C THR A 87 3.49 6.54 15.10
N ARG A 88 4.55 5.92 15.66
CA ARG A 88 4.77 4.51 15.55
C ARG A 88 4.42 3.78 16.81
N GLN A 89 4.04 4.49 17.89
CA GLN A 89 3.70 3.88 19.15
C GLN A 89 2.46 3.02 19.05
N VAL A 90 1.44 3.51 18.32
CA VAL A 90 0.16 2.84 18.17
C VAL A 90 0.20 1.95 16.96
N ALA A 91 -0.91 1.20 16.74
CA ALA A 91 -1.06 0.30 15.65
C ALA A 91 -2.27 0.71 14.86
N GLN A 92 -2.89 1.86 15.19
CA GLN A 92 -4.12 2.28 14.58
C GLN A 92 -3.73 3.29 13.57
N LEU A 93 -3.27 4.47 14.04
CA LEU A 93 -2.85 5.60 13.24
C LEU A 93 -1.69 5.22 12.38
N ARG A 94 -0.77 4.38 12.92
CA ARG A 94 0.39 3.90 12.25
C ARG A 94 0.08 3.11 11.01
N ARG A 95 -0.91 2.19 11.08
CA ARG A 95 -1.25 1.31 9.99
C ARG A 95 -1.79 2.04 8.79
N LYS A 96 -2.58 3.10 9.03
CA LYS A 96 -3.20 3.89 8.00
C LYS A 96 -2.20 4.77 7.29
N MET A 97 -1.05 5.07 7.93
CA MET A 97 -0.03 5.89 7.35
C MET A 97 1.08 5.05 6.79
N GLU A 98 1.04 3.73 6.99
CA GLU A 98 1.98 2.81 6.41
C GLU A 98 1.26 2.11 5.31
N MET A 99 0.24 2.78 4.76
CA MET A 99 -0.51 2.32 3.63
C MET A 99 -0.19 3.31 2.54
N PHE A 100 0.77 4.23 2.78
CA PHE A 100 1.23 5.18 1.81
C PHE A 100 2.67 5.36 2.13
N THR A 101 3.51 5.62 1.11
CA THR A 101 4.93 5.71 1.29
C THR A 101 5.28 7.11 1.71
N TYR A 102 4.51 8.12 1.26
CA TYR A 102 4.84 9.49 1.51
C TYR A 102 3.55 10.18 1.73
N ILE A 103 3.50 11.13 2.69
CA ILE A 103 2.30 11.85 3.02
C ILE A 103 2.80 13.22 3.37
N ARG A 104 2.13 14.29 2.90
CA ARG A 104 2.35 15.61 3.45
C ARG A 104 1.04 16.03 4.00
N CYS A 105 1.04 16.66 5.20
CA CYS A 105 -0.18 16.98 5.86
C CYS A 105 0.15 17.99 6.92
N ASP A 106 -0.91 18.65 7.45
CA ASP A 106 -0.81 19.62 8.50
C ASP A 106 -1.60 19.02 9.60
N MET A 107 -0.96 18.68 10.74
CA MET A 107 -1.61 18.03 11.84
C MET A 107 -2.46 19.01 12.60
N GLU A 108 -3.33 18.49 13.49
CA GLU A 108 -3.87 19.23 14.57
C GLU A 108 -3.60 18.36 15.76
N LEU A 109 -2.83 18.88 16.73
CA LEU A 109 -2.55 18.17 17.94
C LEU A 109 -3.58 18.62 18.90
N THR A 110 -4.30 17.67 19.53
CA THR A 110 -5.27 17.95 20.55
C THR A 110 -4.79 17.11 21.68
N PHE A 111 -4.81 17.65 22.92
CA PHE A 111 -4.32 16.97 24.08
C PHE A 111 -5.53 16.78 24.93
N VAL A 112 -5.64 15.65 25.63
CA VAL A 112 -6.74 15.39 26.51
C VAL A 112 -6.05 15.01 27.77
N ILE A 113 -6.17 15.86 28.81
CA ILE A 113 -5.35 15.74 29.99
C ILE A 113 -6.31 15.53 31.11
N THR A 114 -6.06 14.49 31.92
CA THR A 114 -6.93 14.09 33.00
C THR A 114 -6.01 13.77 34.14
N SER A 115 -6.54 13.72 35.39
CA SER A 115 -5.74 13.47 36.56
C SER A 115 -6.55 12.63 37.49
N HIS A 116 -5.88 12.01 38.47
CA HIS A 116 -6.51 11.23 39.49
C HIS A 116 -5.61 11.35 40.67
N GLN A 117 -6.16 11.31 41.90
CA GLN A 117 -5.36 11.39 43.10
C GLN A 117 -4.67 10.09 43.34
N GLU A 118 -3.51 10.16 44.02
CA GLU A 118 -2.69 9.03 44.35
C GLU A 118 -3.21 8.44 45.62
N MET A 119 -2.72 7.22 45.95
CA MET A 119 -2.83 6.67 47.28
C MET A 119 -1.74 7.32 48.09
N SER A 120 -2.11 7.89 49.25
CA SER A 120 -1.20 8.67 50.04
C SER A 120 -1.75 8.65 51.43
N THR A 121 -0.92 9.10 52.40
CA THR A 121 -1.25 9.08 53.81
C THR A 121 -1.71 10.45 54.22
N ALA A 122 -1.70 11.43 53.29
CA ALA A 122 -2.18 12.78 53.50
C ALA A 122 -3.65 12.78 53.79
N THR A 123 -4.08 13.70 54.69
CA THR A 123 -5.44 13.78 55.14
C THR A 123 -5.78 15.24 55.08
N ASN A 124 -7.10 15.55 55.03
CA ASN A 124 -7.64 16.89 54.88
C ASN A 124 -7.10 17.48 53.61
N SER A 125 -7.30 16.76 52.49
CA SER A 125 -6.70 17.07 51.23
C SER A 125 -7.70 17.85 50.44
N ASP A 126 -7.27 19.05 49.98
CA ASP A 126 -8.04 19.88 49.11
C ASP A 126 -6.96 20.45 48.24
N VAL A 127 -7.14 20.36 46.91
CA VAL A 127 -6.17 20.86 45.97
C VAL A 127 -6.93 21.88 45.15
N PRO A 128 -6.40 23.07 44.85
CA PRO A 128 -6.91 23.92 43.79
C PRO A 128 -6.80 23.24 42.46
N VAL A 129 -7.53 23.74 41.42
CA VAL A 129 -7.48 23.19 40.08
C VAL A 129 -6.11 23.26 39.50
N GLN A 130 -5.70 22.20 38.78
CA GLN A 130 -4.37 22.09 38.22
C GLN A 130 -4.26 22.85 36.96
N THR A 131 -3.04 23.32 36.67
CA THR A 131 -2.71 23.95 35.42
C THR A 131 -1.56 23.11 34.95
N HIS A 132 -1.57 22.75 33.65
CA HIS A 132 -0.61 21.88 33.04
C HIS A 132 0.00 22.65 31.94
N GLN A 133 1.31 22.43 31.68
CA GLN A 133 2.05 23.09 30.65
C GLN A 133 2.48 21.99 29.75
N ILE A 134 2.42 22.23 28.42
CA ILE A 134 2.84 21.28 27.44
C ILE A 134 3.76 22.10 26.59
N MET A 135 5.04 21.74 26.53
CA MET A 135 6.06 22.48 25.83
C MET A 135 6.54 21.59 24.73
N TYR A 136 6.84 22.16 23.56
CA TYR A 136 7.37 21.45 22.43
C TYR A 136 8.73 22.00 22.18
N VAL A 137 9.76 21.13 22.23
CA VAL A 137 11.13 21.47 22.02
C VAL A 137 11.46 20.97 20.64
N PRO A 138 11.61 21.77 19.59
CA PRO A 138 12.10 21.32 18.29
C PRO A 138 13.50 20.77 18.42
N PRO A 139 13.96 19.83 17.62
CA PRO A 139 15.18 19.08 17.88
C PRO A 139 16.40 19.95 17.95
N GLY A 140 17.24 19.75 18.98
CA GLY A 140 18.50 20.41 19.14
C GLY A 140 18.40 21.52 20.14
N GLY A 141 17.20 21.73 20.74
CA GLY A 141 16.99 22.70 21.78
C GLY A 141 17.51 22.19 23.09
N PRO A 142 17.34 22.93 24.17
CA PRO A 142 17.73 22.50 25.49
C PRO A 142 16.59 21.70 26.03
N VAL A 143 16.84 20.71 26.92
CA VAL A 143 15.84 19.81 27.40
C VAL A 143 15.76 20.01 28.88
N PRO A 144 14.59 20.09 29.51
CA PRO A 144 14.44 20.12 30.96
C PRO A 144 14.99 18.88 31.60
N THR A 145 15.41 18.99 32.87
CA THR A 145 16.01 17.90 33.61
C THR A 145 15.37 17.83 34.97
N SER A 146 14.40 18.73 35.25
CA SER A 146 13.75 18.76 36.53
C SER A 146 12.46 19.49 36.30
N VAL A 147 11.56 19.47 37.30
CA VAL A 147 10.27 20.13 37.26
C VAL A 147 10.42 21.62 37.11
N ASN A 148 11.42 22.24 37.78
CA ASN A 148 11.67 23.66 37.68
C ASN A 148 13.08 23.83 37.25
N ASP A 149 13.27 24.41 36.05
CA ASP A 149 14.54 24.86 35.59
C ASP A 149 14.21 25.86 34.52
N TYR A 150 15.26 26.44 33.90
CA TYR A 150 15.19 27.59 33.04
C TYR A 150 14.58 27.25 31.71
N VAL A 151 14.45 25.95 31.37
CA VAL A 151 14.05 25.50 30.07
C VAL A 151 12.56 25.72 29.89
N TRP A 152 11.80 25.79 31.00
CA TRP A 152 10.36 25.89 30.97
C TRP A 152 9.95 27.33 30.94
N GLN A 153 10.89 28.27 30.72
CA GLN A 153 10.55 29.66 30.55
C GLN A 153 9.90 29.90 29.22
N THR A 154 10.09 28.97 28.26
CA THR A 154 9.49 28.94 26.95
C THR A 154 9.73 30.22 26.23
N SER A 155 11.03 30.55 26.08
CA SER A 155 11.48 31.82 25.58
C SER A 155 11.21 31.94 24.11
N THR A 156 11.01 30.81 23.40
CA THR A 156 10.74 30.86 21.99
C THR A 156 10.08 29.56 21.60
N ASN A 157 10.10 28.53 22.48
CA ASN A 157 9.45 27.26 22.26
C ASN A 157 7.96 27.43 22.24
N PRO A 158 7.17 26.82 21.35
CA PRO A 158 5.72 26.77 21.46
C PRO A 158 5.30 26.13 22.75
N SER A 159 4.26 26.65 23.43
CA SER A 159 3.85 26.07 24.68
C SER A 159 2.40 26.42 24.87
N ILE A 160 1.67 25.51 25.54
CA ILE A 160 0.26 25.60 25.78
C ILE A 160 0.14 25.53 27.26
N PHE A 161 -0.67 26.42 27.87
CA PHE A 161 -1.01 26.35 29.26
C PHE A 161 -2.48 26.13 29.27
N TRP A 162 -2.95 25.23 30.14
CA TRP A 162 -4.33 24.83 30.14
C TRP A 162 -4.67 24.48 31.54
N THR A 163 -5.92 24.79 31.96
CA THR A 163 -6.40 24.60 33.31
C THR A 163 -7.51 23.63 33.17
N GLU A 164 -7.58 22.62 34.07
CA GLU A 164 -8.57 21.56 34.05
C GLU A 164 -9.97 22.07 34.15
N GLY A 165 -10.87 21.45 33.36
CA GLY A 165 -12.28 21.70 33.37
C GLY A 165 -12.68 22.39 32.12
N ASN A 166 -11.69 22.90 31.34
CA ASN A 166 -11.93 23.59 30.11
C ASN A 166 -11.89 22.57 29.01
N ALA A 167 -12.28 22.97 27.79
CA ALA A 167 -12.27 22.12 26.62
C ALA A 167 -10.86 21.71 26.28
N PRO A 168 -10.56 20.49 25.83
CA PRO A 168 -9.27 20.03 25.35
C PRO A 168 -8.48 21.02 24.51
N PRO A 169 -7.20 21.31 24.69
CA PRO A 169 -6.56 22.39 23.97
C PRO A 169 -6.06 21.84 22.67
N ARG A 170 -6.14 22.60 21.57
CA ARG A 170 -5.65 22.13 20.30
C ARG A 170 -5.00 23.26 19.59
N MET A 171 -4.23 22.91 18.55
CA MET A 171 -3.41 23.81 17.81
C MET A 171 -3.19 23.11 16.52
N SER A 172 -2.62 23.81 15.52
CA SER A 172 -2.30 23.24 14.24
C SER A 172 -0.82 23.29 14.13
N ILE A 173 -0.22 22.26 13.51
CA ILE A 173 1.19 22.20 13.27
C ILE A 173 1.25 22.20 11.76
N PRO A 174 1.83 23.17 11.06
CA PRO A 174 1.99 23.16 9.61
C PRO A 174 2.85 22.02 9.16
N PHE A 175 2.91 21.74 7.84
CA PHE A 175 3.79 20.74 7.28
C PHE A 175 5.21 21.16 7.50
N MET A 176 5.94 20.44 8.37
CA MET A 176 7.28 20.78 8.73
C MET A 176 8.13 19.58 8.50
N SER A 177 8.98 19.61 7.47
CA SER A 177 9.85 18.50 7.21
C SER A 177 10.91 19.08 6.36
N ILE A 178 12.09 18.42 6.35
CA ILE A 178 13.18 18.71 5.45
C ILE A 178 12.75 18.37 4.05
N GLY A 179 12.09 17.20 3.88
CA GLY A 179 11.64 16.69 2.60
C GLY A 179 10.50 17.46 2.06
N ASN A 180 9.97 16.99 0.91
CA ASN A 180 8.82 17.59 0.28
C ASN A 180 7.64 16.74 0.63
N ALA A 181 7.86 15.68 1.44
CA ALA A 181 6.80 14.92 2.04
C ALA A 181 7.46 14.17 3.15
N TYR A 182 6.68 13.77 4.18
CA TYR A 182 7.11 12.85 5.22
C TYR A 182 7.37 11.53 4.59
N THR A 183 8.32 10.76 5.16
CA THR A 183 8.74 9.51 4.59
C THR A 183 8.35 8.50 5.61
N MET A 184 7.64 7.44 5.16
CA MET A 184 7.07 6.46 6.03
C MET A 184 7.85 5.20 5.93
N PHE A 185 8.68 5.05 4.89
CA PHE A 185 9.55 3.92 4.73
C PHE A 185 10.76 4.46 4.08
N TYR A 186 11.93 4.20 4.68
CA TYR A 186 13.20 4.62 4.17
C TYR A 186 13.93 3.33 4.09
N ASP A 187 14.66 3.09 2.98
CA ASP A 187 15.32 1.83 2.75
C ASP A 187 16.79 2.03 2.98
N GLY A 188 17.21 3.26 3.36
CA GLY A 188 18.61 3.58 3.51
C GLY A 188 19.07 3.35 4.90
N TRP A 189 20.26 3.89 5.22
CA TRP A 189 20.90 3.82 6.49
C TRP A 189 21.22 5.25 6.81
N SER A 190 21.50 5.55 8.09
CA SER A 190 21.94 6.86 8.52
C SER A 190 23.27 7.24 7.94
N ASN A 191 24.25 6.31 7.96
CA ASN A 191 25.60 6.55 7.52
C ASN A 191 25.70 6.23 6.06
N PHE A 192 26.86 6.57 5.47
CA PHE A 192 27.15 6.29 4.08
C PHE A 192 27.92 5.01 4.00
N SER A 193 28.17 4.36 5.16
CA SER A 193 28.91 3.14 5.24
C SER A 193 27.96 1.98 5.35
N ARG A 194 26.63 2.28 5.37
CA ARG A 194 25.57 1.34 5.60
C ARG A 194 25.66 0.75 6.97
N ASP A 195 25.82 1.63 7.98
CA ASP A 195 26.04 1.27 9.35
C ASP A 195 25.12 2.14 10.13
N GLY A 196 24.94 1.81 11.42
CA GLY A 196 24.07 2.55 12.31
C GLY A 196 22.66 2.16 12.05
N ILE A 197 21.71 3.02 12.51
CA ILE A 197 20.30 2.81 12.42
C ILE A 197 19.86 2.69 10.99
N TYR A 198 18.90 1.77 10.74
CA TYR A 198 18.40 1.42 9.45
C TYR A 198 16.93 1.64 9.54
N GLY A 199 16.30 2.00 8.41
CA GLY A 199 14.87 2.10 8.33
C GLY A 199 14.47 3.53 8.46
N TYR A 200 13.17 3.76 8.73
CA TYR A 200 12.55 5.06 8.74
C TYR A 200 12.96 5.86 9.93
N ASN A 201 13.56 5.22 10.95
CA ASN A 201 13.91 5.84 12.21
C ASN A 201 15.12 6.73 12.03
N SER A 202 15.89 6.53 10.94
CA SER A 202 17.00 7.37 10.56
C SER A 202 16.55 8.78 10.27
N LEU A 203 15.44 8.94 9.53
CA LEU A 203 14.95 10.22 9.12
C LEU A 203 14.11 10.88 10.18
N ASN A 204 13.54 10.09 11.11
CA ASN A 204 12.68 10.59 12.16
C ASN A 204 13.48 11.43 13.12
N ASN A 205 13.01 12.66 13.39
CA ASN A 205 13.73 13.63 14.15
C ASN A 205 12.81 14.80 14.18
N MET A 206 11.77 14.73 15.04
CA MET A 206 10.68 15.66 15.05
C MET A 206 10.59 16.38 16.35
N GLY A 207 11.61 16.27 17.24
CA GLY A 207 11.61 16.96 18.51
C GLY A 207 10.89 16.15 19.53
N THR A 208 10.55 16.78 20.67
CA THR A 208 10.17 16.08 21.88
C THR A 208 9.14 16.96 22.53
N ILE A 209 8.10 16.37 23.16
CA ILE A 209 7.06 17.08 23.86
C ILE A 209 7.22 16.73 25.29
N TYR A 210 7.33 17.75 26.16
CA TYR A 210 7.44 17.63 27.59
C TYR A 210 6.20 18.24 28.16
N ALA A 211 5.85 17.90 29.41
CA ALA A 211 4.71 18.48 30.06
C ALA A 211 4.93 18.36 31.52
N ARG A 212 4.29 19.21 32.33
CA ARG A 212 4.46 19.15 33.76
C ARG A 212 3.29 19.84 34.36
N HIS A 213 3.12 19.70 35.69
CA HIS A 213 2.18 20.48 36.45
C HIS A 213 2.86 21.77 36.76
N VAL A 214 2.20 22.89 36.38
CA VAL A 214 2.66 24.22 36.67
C VAL A 214 2.68 24.47 38.14
N ASN A 215 1.61 24.03 38.85
CA ASN A 215 1.43 24.21 40.27
C ASN A 215 2.51 23.50 41.03
N ASP A 216 2.99 24.12 42.13
CA ASP A 216 3.87 23.52 43.09
C ASP A 216 3.11 22.40 43.76
N SER A 217 3.79 21.30 44.14
CA SER A 217 3.18 20.11 44.67
C SER A 217 2.39 20.36 45.93
N SER A 218 1.20 19.73 46.00
CA SER A 218 0.31 19.76 47.12
C SER A 218 0.67 18.58 47.98
N PRO A 219 0.13 18.39 49.19
CA PRO A 219 0.59 17.34 50.08
C PRO A 219 0.19 15.96 49.61
N GLY A 220 -1.01 15.79 49.04
CA GLY A 220 -1.50 14.50 48.62
C GLY A 220 -0.83 14.05 47.35
N GLY A 221 -0.62 15.00 46.41
CA GLY A 221 -0.07 14.75 45.10
C GLY A 221 -1.06 14.06 44.20
N LEU A 222 -0.83 14.17 42.88
CA LEU A 222 -1.73 13.70 41.86
C LEU A 222 -0.89 13.02 40.85
N THR A 223 -1.53 12.26 39.94
CA THR A 223 -0.89 11.69 38.79
C THR A 223 -1.76 12.11 37.67
N SER A 224 -1.18 12.85 36.71
CA SER A 224 -1.85 13.34 35.54
C SER A 224 -1.39 12.45 34.42
N THR A 225 -2.12 12.48 33.31
CA THR A 225 -1.84 11.69 32.15
C THR A 225 -2.31 12.55 31.02
N ILE A 226 -1.58 12.51 29.89
CA ILE A 226 -1.83 13.33 28.75
C ILE A 226 -1.91 12.38 27.60
N ARG A 227 -2.93 12.53 26.73
CA ARG A 227 -3.14 11.73 25.56
C ARG A 227 -3.08 12.65 24.41
N ILE A 228 -2.16 12.39 23.47
CA ILE A 228 -1.93 13.23 22.33
C ILE A 228 -2.76 12.61 21.23
N TYR A 229 -3.35 13.46 20.35
CA TYR A 229 -4.20 13.01 19.28
C TYR A 229 -3.77 13.78 18.07
N PHE A 230 -3.51 13.10 16.93
CA PHE A 230 -3.11 13.74 15.70
C PHE A 230 -4.26 13.61 14.76
N LYS A 231 -4.59 14.69 14.03
CA LYS A 231 -5.56 14.64 12.97
C LYS A 231 -4.89 15.27 11.80
N PRO A 232 -4.50 14.57 10.75
CA PRO A 232 -4.10 15.12 9.48
C PRO A 232 -5.09 16.08 8.86
N LYS A 233 -4.62 17.01 8.02
CA LYS A 233 -5.47 17.89 7.26
C LYS A 233 -4.68 18.18 6.03
N HIS A 234 -5.36 18.52 4.92
CA HIS A 234 -4.73 19.00 3.71
C HIS A 234 -3.79 17.98 3.14
N VAL A 235 -4.25 16.71 3.09
CA VAL A 235 -3.40 15.57 2.95
C VAL A 235 -3.24 15.30 1.49
N LYS A 236 -2.00 15.01 1.05
CA LYS A 236 -1.71 14.54 -0.27
C LYS A 236 -0.83 13.38 0.03
N ALA A 237 -1.21 12.17 -0.39
CA ALA A 237 -0.49 10.97 -0.07
C ALA A 237 -0.10 10.38 -1.36
N TYR A 238 1.18 10.02 -1.51
CA TYR A 238 1.76 9.60 -2.76
C TYR A 238 2.26 8.23 -2.54
N VAL A 239 2.04 7.36 -3.54
CA VAL A 239 2.59 6.04 -3.69
C VAL A 239 1.93 5.10 -2.72
N PRO A 240 0.99 4.23 -3.08
CA PRO A 240 0.25 3.44 -2.13
C PRO A 240 1.04 2.21 -1.87
N ARG A 241 0.67 1.43 -0.83
CA ARG A 241 1.41 0.28 -0.41
C ARG A 241 0.36 -0.68 0.03
N PRO A 242 0.57 -1.99 -0.01
CA PRO A 242 -0.33 -2.96 0.61
C PRO A 242 -0.35 -2.74 2.11
N PRO A 243 -1.47 -2.69 2.81
CA PRO A 243 -1.51 -2.60 4.25
C PRO A 243 -0.87 -3.78 4.91
N ARG A 244 -0.41 -3.63 6.16
CA ARG A 244 0.23 -4.64 6.96
C ARG A 244 -0.60 -5.87 7.15
N LEU A 245 0.08 -7.03 7.23
CA LEU A 245 -0.54 -8.30 7.41
C LEU A 245 -0.17 -8.79 8.78
N CYS A 246 0.94 -8.26 9.35
CA CYS A 246 1.54 -8.78 10.53
C CYS A 246 1.47 -7.77 11.60
N GLN A 247 1.41 -8.24 12.86
CA GLN A 247 1.49 -7.45 14.05
C GLN A 247 2.86 -6.84 14.12
N TYR A 248 2.97 -5.60 14.65
CA TYR A 248 4.23 -4.91 14.79
C TYR A 248 4.93 -5.42 16.00
N LYS A 249 6.25 -5.17 16.09
CA LYS A 249 7.06 -5.64 17.18
C LYS A 249 7.62 -4.42 17.85
N LYS A 250 8.15 -3.47 17.05
CA LYS A 250 8.91 -2.36 17.54
C LYS A 250 8.47 -1.15 16.81
N ALA A 251 8.78 0.03 17.37
CA ALA A 251 8.34 1.30 16.87
C ALA A 251 9.42 1.97 16.08
N LYS A 252 10.57 1.30 15.86
CA LYS A 252 11.66 1.86 15.12
C LYS A 252 12.02 0.94 13.98
N ASN A 253 11.29 -0.18 13.84
CA ASN A 253 11.64 -1.21 12.91
C ASN A 253 10.36 -1.75 12.37
N VAL A 254 10.46 -2.60 11.34
CA VAL A 254 9.35 -3.21 10.66
C VAL A 254 9.42 -4.70 10.86
N ASN A 255 10.11 -5.18 11.93
CA ASN A 255 10.72 -6.50 11.98
C ASN A 255 9.82 -7.67 11.71
N PHE A 256 8.58 -7.68 12.27
CA PHE A 256 7.53 -8.65 12.04
C PHE A 256 7.89 -10.07 12.40
N ASP A 257 6.85 -10.91 12.58
CA ASP A 257 6.98 -12.34 12.75
C ASP A 257 6.11 -12.89 11.66
N VAL A 258 6.55 -13.98 11.00
CA VAL A 258 5.86 -14.62 9.90
C VAL A 258 4.50 -15.08 10.35
N GLU A 259 3.46 -14.72 9.58
CA GLU A 259 2.09 -14.96 9.95
C GLU A 259 1.36 -15.42 8.74
N ALA A 260 0.21 -16.09 8.98
CA ALA A 260 -0.69 -16.64 8.01
C ALA A 260 -1.25 -15.56 7.14
N VAL A 261 -1.40 -15.87 5.83
CA VAL A 261 -2.02 -15.03 4.84
C VAL A 261 -3.47 -14.80 5.16
N THR A 262 -4.21 -15.86 5.56
CA THR A 262 -5.63 -15.81 5.72
C THR A 262 -6.01 -16.86 6.71
N THR A 263 -7.22 -16.73 7.28
CA THR A 263 -7.87 -17.71 8.12
C THR A 263 -8.22 -18.95 7.34
N GLU A 264 -8.27 -20.10 8.05
CA GLU A 264 -8.57 -21.42 7.54
C GLU A 264 -9.87 -21.54 6.80
N ARG A 265 -9.95 -22.55 5.91
CA ARG A 265 -11.20 -23.10 5.45
C ARG A 265 -11.06 -24.58 5.51
N ALA A 266 -12.21 -25.28 5.57
CA ALA A 266 -12.29 -26.72 5.57
C ALA A 266 -11.75 -27.33 4.30
N SER A 267 -12.10 -26.74 3.15
CA SER A 267 -11.76 -27.31 1.87
C SER A 267 -11.90 -26.23 0.85
N LEU A 268 -11.58 -26.55 -0.42
CA LEU A 268 -11.74 -25.69 -1.57
C LEU A 268 -13.17 -25.29 -1.80
N VAL A 269 -14.12 -26.22 -1.56
CA VAL A 269 -15.52 -26.00 -1.81
C VAL A 269 -16.18 -25.91 -0.46
N THR A 270 -16.70 -24.72 -0.10
CA THR A 270 -17.39 -24.50 1.14
C THR A 270 -18.56 -23.62 0.82
N THR A 271 -19.71 -23.92 1.44
CA THR A 271 -20.92 -23.15 1.30
C THR A 271 -20.90 -22.12 2.43
N SER B 1 2.50 -7.30 -35.40
CA SER B 1 1.91 -7.78 -34.13
C SER B 1 2.24 -6.86 -33.00
N ASP B 2 1.79 -7.22 -31.77
CA ASP B 2 1.99 -6.43 -30.58
C ASP B 2 2.89 -7.20 -29.66
N ARG B 3 3.55 -8.26 -30.17
CA ARG B 3 4.36 -9.13 -29.36
C ARG B 3 5.80 -8.76 -29.53
N VAL B 4 6.10 -7.77 -30.39
CA VAL B 4 7.44 -7.46 -30.79
C VAL B 4 7.68 -6.07 -30.32
N ARG B 5 8.83 -5.84 -29.65
CA ARG B 5 9.24 -4.53 -29.21
C ARG B 5 10.72 -4.49 -29.40
N SER B 6 11.27 -3.26 -29.38
CA SER B 6 12.68 -3.03 -29.41
C SER B 6 12.85 -1.82 -28.55
N ILE B 7 13.92 -1.79 -27.75
CA ILE B 7 14.21 -0.69 -26.88
C ILE B 7 15.65 -0.44 -27.17
N THR B 8 16.02 0.83 -27.47
CA THR B 8 17.38 1.20 -27.75
C THR B 8 17.66 2.30 -26.80
N LEU B 9 18.68 2.13 -25.95
CA LEU B 9 19.16 3.16 -25.09
C LEU B 9 20.63 3.07 -25.19
N GLY B 10 21.30 4.22 -25.42
CA GLY B 10 22.72 4.29 -25.58
C GLY B 10 23.15 3.56 -26.80
N ASN B 11 24.07 2.59 -26.59
CA ASN B 11 24.62 1.76 -27.63
C ASN B 11 24.14 0.35 -27.44
N SER B 12 23.18 0.13 -26.51
CA SER B 12 22.63 -1.17 -26.24
C SER B 12 21.28 -1.23 -26.86
N THR B 13 20.79 -2.45 -27.13
CA THR B 13 19.47 -2.65 -27.64
C THR B 13 19.07 -3.99 -27.11
N ILE B 14 17.75 -4.18 -26.93
CA ILE B 14 17.20 -5.40 -26.42
C ILE B 14 15.93 -5.53 -27.15
N THR B 15 15.59 -6.76 -27.60
CA THR B 15 14.47 -6.99 -28.48
C THR B 15 13.78 -8.20 -27.95
N THR B 16 12.49 -8.36 -28.26
CA THR B 16 11.65 -9.41 -27.74
C THR B 16 10.71 -9.77 -28.83
N GLN B 17 10.21 -11.03 -28.83
CA GLN B 17 9.26 -11.47 -29.81
C GLN B 17 8.10 -12.12 -29.13
N GLU B 18 8.11 -12.21 -27.79
CA GLU B 18 6.93 -12.51 -27.03
C GLU B 18 7.00 -11.52 -25.92
N CYS B 19 6.02 -10.61 -25.85
CA CYS B 19 6.11 -9.51 -24.95
C CYS B 19 4.71 -9.11 -24.69
N ALA B 20 4.44 -8.60 -23.47
CA ALA B 20 3.19 -7.95 -23.20
C ALA B 20 3.59 -6.58 -22.78
N ASN B 21 3.33 -5.60 -23.68
CA ASN B 21 3.46 -4.17 -23.51
C ASN B 21 4.69 -3.71 -22.73
N VAL B 22 4.57 -2.54 -22.08
CA VAL B 22 5.55 -1.95 -21.22
C VAL B 22 4.67 -1.33 -20.19
N VAL B 23 5.04 -1.41 -18.90
CA VAL B 23 4.28 -0.83 -17.83
C VAL B 23 5.09 0.32 -17.38
N VAL B 24 4.53 1.55 -17.55
CA VAL B 24 5.19 2.75 -17.14
C VAL B 24 4.70 2.97 -15.76
N GLY B 25 5.60 2.93 -14.76
CA GLY B 25 5.23 2.92 -13.38
C GLY B 25 4.66 4.25 -12.97
N TYR B 26 3.34 4.26 -12.69
CA TYR B 26 2.60 5.40 -12.20
C TYR B 26 2.35 6.39 -13.29
N GLY B 27 2.56 5.99 -14.56
CA GLY B 27 2.23 6.75 -15.74
C GLY B 27 3.08 7.97 -15.91
N VAL B 28 4.33 7.95 -15.39
CA VAL B 28 5.26 9.05 -15.51
C VAL B 28 6.44 8.45 -16.17
N TRP B 29 6.87 9.03 -17.31
CA TRP B 29 8.00 8.56 -18.07
C TRP B 29 9.18 9.34 -17.52
N PRO B 30 10.33 8.77 -17.17
CA PRO B 30 11.46 9.47 -16.58
C PRO B 30 11.97 10.59 -17.42
N ASP B 31 12.38 11.71 -16.79
CA ASP B 31 12.89 12.86 -17.49
C ASP B 31 13.69 13.63 -16.48
N TYR B 32 14.56 14.56 -16.97
CA TYR B 32 15.42 15.38 -16.16
C TYR B 32 14.66 16.28 -15.23
N LEU B 33 15.28 16.59 -14.07
CA LEU B 33 14.75 17.48 -13.05
C LEU B 33 14.56 18.85 -13.60
N SER B 34 13.44 19.51 -13.22
CA SER B 34 13.09 20.83 -13.70
C SER B 34 13.77 21.86 -12.84
N ASP B 35 13.64 23.15 -13.20
CA ASP B 35 14.29 24.23 -12.50
C ASP B 35 13.36 24.80 -11.48
N GLU B 36 12.14 24.22 -11.34
CA GLU B 36 11.17 24.67 -10.39
C GLU B 36 11.14 23.71 -9.25
N GLU B 37 11.81 22.55 -9.40
CA GLU B 37 11.83 21.51 -8.40
C GLU B 37 13.25 21.24 -8.02
N ALA B 38 14.20 22.09 -8.45
CA ALA B 38 15.60 21.95 -8.13
C ALA B 38 15.83 22.42 -6.73
N THR B 39 17.05 22.20 -6.19
CA THR B 39 17.33 22.52 -4.82
C THR B 39 18.82 22.57 -4.66
N ALA B 40 19.59 22.17 -5.70
CA ALA B 40 21.02 22.11 -5.65
C ALA B 40 21.48 23.12 -6.63
N GLU B 41 22.39 24.01 -6.19
CA GLU B 41 22.73 25.21 -6.92
C GLU B 41 24.08 25.03 -7.53
N ASP B 42 24.22 24.04 -8.42
CA ASP B 42 25.41 23.88 -9.22
C ASP B 42 25.00 23.04 -10.38
N GLN B 43 25.79 23.09 -11.46
CA GLN B 43 25.52 22.49 -12.74
C GLN B 43 25.50 20.98 -12.60
N PRO B 44 24.48 20.23 -12.99
CA PRO B 44 24.51 18.79 -12.87
C PRO B 44 25.18 18.28 -14.10
N THR B 45 26.11 17.31 -13.98
CA THR B 45 26.60 16.55 -15.09
C THR B 45 25.48 15.65 -15.54
N GLN B 46 25.34 15.43 -16.85
CA GLN B 46 24.33 14.56 -17.39
C GLN B 46 25.10 13.78 -18.41
N PRO B 47 25.51 12.54 -18.17
CA PRO B 47 26.42 11.87 -19.07
C PRO B 47 25.71 11.42 -20.30
N ASP B 48 24.40 11.15 -20.17
CA ASP B 48 23.51 10.82 -21.24
C ASP B 48 23.74 9.41 -21.68
N VAL B 49 24.46 9.17 -22.80
CA VAL B 49 24.51 7.88 -23.44
C VAL B 49 25.67 7.09 -22.93
N ALA B 50 26.34 7.57 -21.87
CA ALA B 50 27.47 6.89 -21.29
C ALA B 50 27.03 6.16 -20.07
N THR B 51 25.77 6.33 -19.63
CA THR B 51 25.30 5.74 -18.41
C THR B 51 23.92 5.20 -18.63
N CYS B 52 23.20 5.71 -19.65
CA CYS B 52 21.87 5.23 -19.98
C CYS B 52 22.06 4.24 -21.07
N ARG B 53 21.82 2.96 -20.76
CA ARG B 53 22.14 1.85 -21.62
C ARG B 53 21.98 0.66 -20.76
N PHE B 54 21.57 -0.47 -21.36
CA PHE B 54 21.32 -1.71 -20.67
C PHE B 54 22.56 -2.31 -20.08
N TYR B 55 22.45 -2.71 -18.80
CA TYR B 55 23.46 -3.37 -18.03
C TYR B 55 22.84 -4.67 -17.67
N THR B 56 23.63 -5.75 -17.54
CA THR B 56 23.10 -7.07 -17.31
C THR B 56 23.62 -7.51 -15.98
N LEU B 57 22.69 -7.91 -15.09
CA LEU B 57 22.99 -8.41 -13.78
C LEU B 57 23.07 -9.89 -13.90
N ASN B 58 23.73 -10.56 -12.92
CA ASN B 58 23.94 -11.99 -12.96
C ASN B 58 22.65 -12.76 -13.00
N SER B 59 22.65 -13.87 -13.78
CA SER B 59 21.49 -14.69 -13.99
C SER B 59 21.37 -15.63 -12.85
N VAL B 60 20.13 -16.00 -12.50
CA VAL B 60 19.83 -16.85 -11.37
C VAL B 60 19.08 -18.02 -11.93
N LYS B 61 19.29 -19.23 -11.36
CA LYS B 61 18.67 -20.43 -11.83
C LYS B 61 17.31 -20.51 -11.20
N TRP B 62 16.27 -20.75 -12.02
CA TRP B 62 14.93 -20.95 -11.54
C TRP B 62 14.76 -22.42 -11.39
N GLU B 63 14.78 -22.88 -10.12
CA GLU B 63 14.65 -24.24 -9.70
C GLU B 63 13.19 -24.46 -9.46
N MET B 64 12.76 -25.69 -9.11
CA MET B 64 11.35 -25.95 -8.90
C MET B 64 11.00 -25.77 -7.46
N GLN B 65 11.98 -25.39 -6.60
CA GLN B 65 11.78 -25.14 -5.20
C GLN B 65 12.16 -23.72 -4.88
N SER B 66 12.47 -22.88 -5.90
CA SER B 66 12.79 -21.49 -5.72
C SER B 66 11.63 -20.71 -5.18
N ALA B 67 11.93 -19.70 -4.35
CA ALA B 67 10.92 -18.94 -3.67
C ALA B 67 10.99 -17.50 -4.07
N GLY B 68 11.99 -17.10 -4.89
CA GLY B 68 12.07 -15.76 -5.40
C GLY B 68 13.44 -15.19 -5.20
N TRP B 69 13.58 -13.90 -5.55
CA TRP B 69 14.83 -13.20 -5.62
C TRP B 69 14.50 -11.76 -5.42
N TRP B 70 15.51 -10.91 -5.10
CA TRP B 70 15.31 -9.50 -5.08
C TRP B 70 16.66 -8.89 -5.32
N TRP B 71 16.69 -7.68 -5.91
CA TRP B 71 17.89 -6.91 -6.13
C TRP B 71 17.50 -5.54 -5.70
N LYS B 72 18.27 -4.90 -4.81
CA LYS B 72 18.02 -3.53 -4.44
C LYS B 72 18.77 -2.64 -5.36
N PHE B 73 18.14 -1.52 -5.76
CA PHE B 73 18.69 -0.57 -6.70
C PHE B 73 18.81 0.73 -5.99
N PRO B 74 19.74 1.61 -6.33
CA PRO B 74 20.83 1.39 -7.25
C PRO B 74 22.03 0.92 -6.48
N ASP B 75 22.00 -0.30 -5.91
CA ASP B 75 23.15 -0.89 -5.28
C ASP B 75 23.55 -2.09 -6.08
N ALA B 76 22.84 -2.38 -7.19
CA ALA B 76 23.15 -3.50 -8.03
C ALA B 76 23.84 -3.00 -9.26
N LEU B 77 23.96 -1.66 -9.41
CA LEU B 77 24.60 -1.03 -10.52
C LEU B 77 25.79 -0.27 -10.02
N SER B 78 26.23 -0.55 -8.77
CA SER B 78 27.32 0.16 -8.15
C SER B 78 28.64 -0.25 -8.74
N GLU B 79 28.69 -1.42 -9.41
CA GLU B 79 29.89 -1.96 -10.00
C GLU B 79 29.76 -1.98 -11.48
N MET B 80 28.58 -1.61 -12.03
CA MET B 80 28.36 -1.70 -13.45
C MET B 80 28.79 -0.42 -14.09
N GLY B 81 29.61 -0.55 -15.16
CA GLY B 81 29.94 0.49 -16.10
C GLY B 81 30.34 1.81 -15.52
N LEU B 82 29.94 2.90 -16.22
CA LEU B 82 30.33 4.24 -15.89
C LEU B 82 29.22 4.84 -15.09
N PHE B 83 28.08 4.13 -14.94
CA PHE B 83 27.02 4.48 -14.02
C PHE B 83 27.56 4.40 -12.62
N GLY B 84 28.34 3.34 -12.34
CA GLY B 84 28.85 3.02 -11.04
C GLY B 84 30.05 3.84 -10.70
N GLN B 85 30.63 4.55 -11.69
CA GLN B 85 31.76 5.42 -11.47
C GLN B 85 31.30 6.83 -11.34
N ASN B 86 29.98 7.09 -11.41
CA ASN B 86 29.44 8.42 -11.22
C ASN B 86 28.54 8.38 -10.02
N MET B 87 28.58 7.30 -9.22
CA MET B 87 27.92 7.32 -7.93
C MET B 87 28.99 7.50 -6.90
N GLN B 88 30.26 7.34 -7.30
CA GLN B 88 31.36 7.35 -6.38
C GLN B 88 32.05 8.66 -6.43
N TYR B 89 31.58 9.59 -7.28
CA TYR B 89 32.19 10.89 -7.41
C TYR B 89 31.11 11.91 -7.30
N HIS B 90 29.92 11.56 -6.75
CA HIS B 90 28.87 12.52 -6.64
C HIS B 90 28.09 12.21 -5.42
N TYR B 91 27.64 13.29 -4.76
CA TYR B 91 26.88 13.24 -3.53
C TYR B 91 25.42 13.02 -3.85
N LEU B 92 24.98 13.28 -5.10
CA LEU B 92 23.59 13.25 -5.42
C LEU B 92 23.48 12.52 -6.71
N GLY B 93 22.24 12.11 -7.03
CA GLY B 93 21.98 11.49 -8.28
C GLY B 93 20.53 11.20 -8.30
N ARG B 94 19.96 11.04 -9.50
CA ARG B 94 18.60 10.64 -9.67
C ARG B 94 18.66 10.00 -11.01
N SER B 95 17.70 9.13 -11.32
CA SER B 95 17.73 8.38 -12.54
C SER B 95 16.55 7.47 -12.44
N GLY B 96 15.73 7.44 -13.52
CA GLY B 96 14.74 6.42 -13.75
C GLY B 96 15.41 5.16 -14.20
N TYR B 97 14.62 4.16 -14.64
CA TYR B 97 15.14 2.86 -14.99
C TYR B 97 14.22 2.31 -16.02
N THR B 98 14.59 1.15 -16.59
CA THR B 98 13.73 0.40 -17.45
C THR B 98 14.17 -1.01 -17.33
N ILE B 99 13.81 -1.61 -16.16
CA ILE B 99 14.06 -2.97 -15.80
C ILE B 99 13.41 -3.84 -16.83
N HIS B 100 14.13 -4.85 -17.35
CA HIS B 100 13.60 -5.75 -18.31
C HIS B 100 14.03 -7.10 -17.85
N VAL B 101 13.07 -7.91 -17.39
CA VAL B 101 13.29 -9.26 -16.92
C VAL B 101 12.97 -10.11 -18.10
N GLN B 102 13.72 -11.20 -18.30
CA GLN B 102 13.58 -12.03 -19.46
C GLN B 102 13.91 -13.41 -19.03
N CYS B 103 13.21 -14.39 -19.62
CA CYS B 103 13.21 -15.73 -19.14
C CYS B 103 12.38 -16.48 -20.14
N ASN B 104 13.05 -17.09 -21.13
CA ASN B 104 12.40 -17.90 -22.12
C ASN B 104 12.24 -19.29 -21.58
N ALA B 105 11.28 -20.03 -22.13
CA ALA B 105 11.08 -21.40 -21.81
C ALA B 105 10.29 -21.94 -22.95
N SER B 106 10.34 -23.27 -23.14
CA SER B 106 9.60 -24.01 -24.15
C SER B 106 8.11 -23.87 -23.99
N LYS B 107 7.35 -24.55 -24.86
CA LYS B 107 5.91 -24.56 -24.83
C LYS B 107 5.41 -25.74 -24.05
N PHE B 108 6.34 -26.53 -23.45
CA PHE B 108 6.01 -27.70 -22.67
C PHE B 108 6.41 -27.44 -21.24
N HIS B 109 6.89 -26.21 -20.94
CA HIS B 109 7.20 -25.77 -19.61
C HIS B 109 6.05 -24.94 -19.16
N GLN B 110 5.92 -24.77 -17.84
CA GLN B 110 4.85 -24.02 -17.27
C GLN B 110 5.40 -23.42 -16.02
N GLY B 111 4.85 -22.28 -15.59
CA GLY B 111 5.37 -21.57 -14.46
C GLY B 111 4.94 -20.16 -14.65
N CYS B 112 5.02 -19.37 -13.56
CA CYS B 112 4.48 -18.04 -13.56
C CYS B 112 5.36 -17.30 -12.60
N LEU B 113 5.65 -16.01 -12.88
CA LEU B 113 6.49 -15.17 -12.07
C LEU B 113 5.75 -13.88 -11.93
N LEU B 114 6.06 -13.12 -10.87
CA LEU B 114 5.52 -11.81 -10.64
C LEU B 114 6.73 -10.96 -10.56
N VAL B 115 6.87 -9.99 -11.47
CA VAL B 115 7.99 -9.11 -11.55
C VAL B 115 7.44 -7.81 -11.08
N VAL B 116 7.97 -7.24 -9.97
CA VAL B 116 7.34 -6.12 -9.32
C VAL B 116 8.41 -5.25 -8.75
N CYS B 117 8.27 -3.92 -8.94
CA CYS B 117 9.22 -2.92 -8.51
C CYS B 117 8.63 -2.23 -7.33
N VAL B 118 9.22 -2.41 -6.14
CA VAL B 118 8.65 -1.97 -4.90
C VAL B 118 9.42 -0.75 -4.46
N PRO B 119 8.97 0.49 -4.58
CA PRO B 119 9.63 1.64 -4.00
C PRO B 119 9.68 1.54 -2.51
N GLU B 120 10.86 1.82 -1.90
CA GLU B 120 11.08 1.89 -0.49
C GLU B 120 10.76 0.61 0.22
N ALA B 121 11.26 -0.54 -0.29
CA ALA B 121 11.00 -1.81 0.36
C ALA B 121 11.92 -1.91 1.52
N GLU B 122 11.39 -1.91 2.75
CA GLU B 122 12.20 -1.92 3.93
C GLU B 122 12.01 -3.29 4.49
N MET B 123 13.12 -4.04 4.64
CA MET B 123 13.08 -5.45 4.94
C MET B 123 13.08 -5.62 6.43
N GLY B 124 12.44 -6.72 6.90
CA GLY B 124 12.40 -7.11 8.30
C GLY B 124 13.71 -7.69 8.75
N CYS B 125 13.70 -8.34 9.93
CA CYS B 125 14.87 -8.98 10.45
C CYS B 125 14.35 -10.11 11.27
N THR B 126 15.09 -11.24 11.29
CA THR B 126 14.75 -12.45 11.99
C THR B 126 14.65 -12.24 13.47
N ASN B 127 15.62 -11.49 14.05
CA ASN B 127 15.59 -11.07 15.42
C ASN B 127 14.88 -9.76 15.39
N ALA B 128 14.00 -9.49 16.38
CA ALA B 128 13.17 -8.32 16.39
C ALA B 128 13.81 -7.24 17.20
N GLU B 129 15.07 -7.46 17.64
CA GLU B 129 15.80 -6.48 18.41
C GLU B 129 16.87 -5.88 17.54
N ASN B 130 17.01 -6.36 16.28
CA ASN B 130 18.12 -6.01 15.42
C ASN B 130 17.54 -5.55 14.13
N ALA B 131 18.36 -4.81 13.35
CA ALA B 131 18.05 -4.35 12.03
C ALA B 131 19.12 -4.98 11.16
N PRO B 132 18.81 -5.49 9.99
CA PRO B 132 19.67 -6.36 9.21
C PRO B 132 20.94 -5.69 8.76
N THR B 133 22.08 -6.42 8.83
CA THR B 133 23.38 -6.01 8.35
C THR B 133 23.36 -5.87 6.85
N TYR B 134 24.24 -4.98 6.30
CA TYR B 134 24.29 -4.59 4.90
C TYR B 134 24.38 -5.74 3.94
N GLY B 135 25.18 -6.78 4.26
CA GLY B 135 25.46 -7.88 3.38
C GLY B 135 24.28 -8.76 3.14
N ASP B 136 23.22 -8.64 3.98
CA ASP B 136 22.07 -9.49 3.94
C ASP B 136 20.95 -8.81 3.20
N LEU B 137 21.10 -7.51 2.84
CA LEU B 137 20.12 -6.80 2.05
C LEU B 137 20.56 -6.87 0.61
N CYS B 138 21.86 -6.64 0.36
CA CYS B 138 22.38 -6.43 -0.96
C CYS B 138 23.45 -7.42 -1.21
N GLY B 139 23.55 -7.85 -2.48
CA GLY B 139 24.52 -8.81 -2.94
C GLY B 139 25.20 -8.21 -4.13
N GLY B 140 24.82 -6.97 -4.51
CA GLY B 140 25.34 -6.31 -5.67
C GLY B 140 24.62 -6.82 -6.86
N GLU B 141 25.37 -7.38 -7.83
CA GLU B 141 24.83 -7.90 -9.06
C GLU B 141 24.19 -9.24 -8.83
N THR B 142 24.54 -9.93 -7.72
CA THR B 142 24.01 -11.22 -7.37
C THR B 142 22.82 -10.96 -6.51
N ALA B 143 21.66 -11.56 -6.86
CA ALA B 143 20.44 -11.48 -6.10
C ALA B 143 20.57 -12.15 -4.76
N LYS B 144 19.89 -11.58 -3.76
CA LYS B 144 19.63 -12.25 -2.51
C LYS B 144 18.33 -12.95 -2.77
N GLN B 145 18.11 -14.14 -2.17
CA GLN B 145 16.98 -14.95 -2.51
C GLN B 145 16.14 -15.21 -1.31
N PHE B 146 14.81 -15.16 -1.51
CA PHE B 146 13.79 -15.55 -0.58
C PHE B 146 13.86 -17.02 -0.29
N GLU B 147 13.31 -17.43 0.88
CA GLU B 147 13.19 -18.81 1.27
C GLU B 147 11.73 -19.07 1.45
N GLN B 148 11.30 -20.32 1.20
CA GLN B 148 9.92 -20.73 1.27
C GLN B 148 9.34 -20.60 2.65
N ASN B 149 10.11 -21.00 3.68
CA ASN B 149 9.68 -21.07 5.04
C ASN B 149 10.41 -20.01 5.79
N ALA B 150 9.89 -19.64 6.98
CA ALA B 150 10.48 -18.68 7.88
C ALA B 150 11.84 -19.13 8.33
N VAL B 151 12.80 -18.19 8.35
CA VAL B 151 14.18 -18.47 8.68
C VAL B 151 14.43 -17.83 10.00
N THR B 152 15.45 -18.34 10.72
CA THR B 152 15.87 -17.81 11.98
C THR B 152 17.36 -17.68 11.84
N GLY B 153 17.85 -16.44 12.08
CA GLY B 153 19.24 -16.11 12.07
C GLY B 153 19.40 -15.22 13.26
N GLU B 154 20.05 -14.07 13.06
CA GLU B 154 20.20 -13.08 14.10
C GLU B 154 20.09 -11.75 13.42
N THR B 155 21.03 -11.46 12.49
CA THR B 155 21.01 -10.23 11.73
C THR B 155 20.48 -10.53 10.35
N ALA B 156 20.11 -11.80 10.08
CA ALA B 156 19.56 -12.24 8.82
C ALA B 156 18.25 -11.55 8.55
N VAL B 157 17.97 -11.24 7.27
CA VAL B 157 16.69 -10.74 6.83
C VAL B 157 15.69 -11.84 6.98
N GLN B 158 14.47 -11.50 7.48
CA GLN B 158 13.37 -12.43 7.57
C GLN B 158 12.86 -12.65 6.19
N THR B 159 13.11 -13.85 5.63
CA THR B 159 12.75 -14.16 4.28
C THR B 159 11.75 -15.26 4.34
N ALA B 160 10.48 -14.90 4.06
CA ALA B 160 9.46 -15.86 3.86
C ALA B 160 8.58 -15.17 2.89
N VAL B 161 8.22 -15.85 1.79
CA VAL B 161 7.28 -15.33 0.85
C VAL B 161 5.96 -15.85 1.28
N CYS B 162 5.02 -14.91 1.47
CA CYS B 162 3.79 -14.98 2.22
C CYS B 162 3.80 -13.74 3.07
N ASN B 163 4.93 -12.99 3.07
CA ASN B 163 5.09 -11.76 3.79
C ASN B 163 5.96 -10.89 2.95
N ALA B 164 6.72 -11.49 2.00
CA ALA B 164 7.48 -10.79 1.00
C ALA B 164 8.67 -10.10 1.60
N GLY B 165 9.04 -10.46 2.85
CA GLY B 165 10.12 -9.87 3.58
C GLY B 165 9.83 -8.45 3.95
N MET B 166 8.56 -8.11 4.25
CA MET B 166 8.16 -6.76 4.56
C MET B 166 6.99 -6.80 5.49
N GLY B 167 6.36 -7.98 5.67
CA GLY B 167 5.26 -8.15 6.59
C GLY B 167 3.96 -7.75 5.98
N VAL B 168 3.85 -7.79 4.63
CA VAL B 168 2.65 -7.46 3.91
C VAL B 168 2.32 -8.67 3.10
N GLY B 169 1.02 -8.95 2.84
CA GLY B 169 0.59 -10.08 2.04
C GLY B 169 1.24 -10.07 0.69
N VAL B 170 1.72 -11.22 0.21
CA VAL B 170 2.55 -11.27 -0.97
C VAL B 170 1.71 -11.15 -2.21
N GLY B 171 0.41 -11.44 -2.11
CA GLY B 171 -0.52 -11.32 -3.21
C GLY B 171 -0.94 -9.91 -3.41
N ASN B 172 -0.62 -9.01 -2.46
CA ASN B 172 -1.08 -7.65 -2.50
C ASN B 172 -0.02 -6.79 -3.11
N LEU B 173 1.11 -7.36 -3.60
CA LEU B 173 2.12 -6.61 -4.30
C LEU B 173 1.65 -6.52 -5.70
N THR B 174 0.88 -5.48 -6.04
CA THR B 174 0.26 -5.38 -7.32
C THR B 174 -0.14 -3.94 -7.52
N ILE B 175 -0.11 -3.09 -6.47
CA ILE B 175 -0.37 -1.68 -6.63
C ILE B 175 0.91 -1.07 -7.13
N TYR B 176 2.04 -1.70 -6.74
CA TYR B 176 3.35 -1.44 -7.25
C TYR B 176 3.41 -1.82 -8.70
N PRO B 177 4.11 -1.13 -9.60
CA PRO B 177 4.23 -1.48 -11.00
C PRO B 177 4.68 -2.88 -11.22
N HIS B 178 4.05 -3.65 -12.12
CA HIS B 178 4.36 -5.04 -12.21
C HIS B 178 3.90 -5.55 -13.54
N GLN B 179 4.45 -6.71 -13.94
CA GLN B 179 3.94 -7.51 -15.01
C GLN B 179 4.21 -8.91 -14.58
N TRP B 180 3.59 -9.89 -15.25
CA TRP B 180 3.75 -11.28 -14.92
C TRP B 180 4.40 -11.89 -16.12
N ILE B 181 5.44 -12.73 -15.89
CA ILE B 181 6.03 -13.52 -16.94
C ILE B 181 5.44 -14.86 -16.73
N ASN B 182 4.55 -15.27 -17.65
CA ASN B 182 3.85 -16.51 -17.61
C ASN B 182 4.30 -17.17 -18.86
N LEU B 183 4.68 -18.46 -18.80
CA LEU B 183 5.50 -19.09 -19.80
C LEU B 183 4.67 -19.69 -20.90
N ARG B 184 3.37 -19.32 -20.99
CA ARG B 184 2.53 -19.76 -22.06
C ARG B 184 2.06 -18.56 -22.83
N THR B 185 2.60 -17.36 -22.54
CA THR B 185 2.25 -16.15 -23.26
C THR B 185 3.54 -15.47 -23.56
N ASN B 186 3.94 -14.50 -22.71
CA ASN B 186 5.11 -13.69 -22.89
C ASN B 186 6.29 -14.41 -22.31
N ASN B 187 7.47 -13.79 -22.36
CA ASN B 187 8.66 -14.38 -21.82
C ASN B 187 9.55 -13.25 -21.41
N SER B 188 8.97 -12.04 -21.26
CA SER B 188 9.71 -10.87 -20.90
C SER B 188 8.73 -9.94 -20.24
N ALA B 189 9.26 -9.01 -19.42
CA ALA B 189 8.47 -8.04 -18.72
C ALA B 189 9.30 -6.81 -18.73
N THR B 190 8.69 -5.64 -18.94
CA THR B 190 9.40 -4.40 -19.06
C THR B 190 8.67 -3.45 -18.17
N ILE B 191 9.37 -2.84 -17.19
CA ILE B 191 8.78 -1.92 -16.27
C ILE B 191 9.68 -0.73 -16.31
N VAL B 192 9.15 0.44 -16.71
CA VAL B 192 9.89 1.67 -16.81
C VAL B 192 9.56 2.40 -15.56
N MET B 193 10.49 2.47 -14.59
CA MET B 193 10.29 3.19 -13.36
C MET B 193 10.72 4.61 -13.54
N PRO B 194 10.05 5.61 -13.01
CA PRO B 194 10.55 6.96 -12.94
C PRO B 194 11.29 7.05 -11.64
N TYR B 195 11.84 8.24 -11.31
CA TYR B 195 12.51 8.46 -10.07
C TYR B 195 11.46 8.79 -9.06
N ILE B 196 11.35 7.98 -7.98
CA ILE B 196 10.32 8.14 -6.99
C ILE B 196 11.04 8.31 -5.70
N ASN B 197 10.98 9.53 -5.13
CA ASN B 197 11.57 9.81 -3.85
C ASN B 197 10.92 11.08 -3.42
N SER B 198 11.08 11.47 -2.14
CA SER B 198 10.41 12.61 -1.56
C SER B 198 11.28 13.82 -1.58
N VAL B 199 12.50 13.72 -2.13
CA VAL B 199 13.41 14.83 -2.24
C VAL B 199 13.89 14.78 -3.66
N PRO B 200 14.42 15.84 -4.27
CA PRO B 200 14.59 15.87 -5.70
C PRO B 200 15.69 14.96 -6.18
N MET B 201 16.76 14.80 -5.39
CA MET B 201 17.87 13.95 -5.71
C MET B 201 18.23 13.39 -4.38
N ASP B 202 18.97 12.27 -4.33
CA ASP B 202 19.38 11.74 -3.06
C ASP B 202 20.60 10.92 -3.34
N ASN B 203 21.47 10.74 -2.31
CA ASN B 203 22.72 10.03 -2.39
C ASN B 203 22.48 8.59 -2.74
N MET B 204 23.14 8.13 -3.82
CA MET B 204 22.93 6.84 -4.41
C MET B 204 23.30 5.71 -3.51
N PHE B 205 24.47 5.79 -2.83
CA PHE B 205 24.99 4.73 -1.98
C PHE B 205 24.14 4.46 -0.78
N ARG B 206 23.77 5.53 -0.07
CA ARG B 206 23.11 5.47 1.19
C ARG B 206 21.71 4.94 1.11
N HIS B 207 20.96 5.33 0.07
CA HIS B 207 19.54 5.17 -0.01
C HIS B 207 19.20 4.38 -1.23
N ASN B 208 18.23 3.45 -1.10
CA ASN B 208 17.85 2.56 -2.19
C ASN B 208 16.46 2.92 -2.58
N ASN B 209 16.30 3.42 -3.81
CA ASN B 209 15.06 3.95 -4.35
C ASN B 209 13.97 2.91 -4.41
N PHE B 210 14.28 1.68 -4.84
CA PHE B 210 13.27 0.68 -5.04
C PHE B 210 13.97 -0.63 -5.00
N THR B 211 13.20 -1.73 -4.99
CA THR B 211 13.71 -3.06 -4.91
C THR B 211 12.89 -3.88 -5.85
N LEU B 212 13.50 -4.44 -6.89
CA LEU B 212 12.89 -5.40 -7.77
C LEU B 212 12.72 -6.69 -7.03
N MET B 213 11.63 -7.45 -7.29
CA MET B 213 11.41 -8.72 -6.67
C MET B 213 10.79 -9.55 -7.74
N ILE B 214 11.24 -10.83 -7.83
CA ILE B 214 10.71 -11.77 -8.78
C ILE B 214 10.30 -12.90 -7.91
N ILE B 215 9.00 -13.28 -7.91
CA ILE B 215 8.48 -14.25 -6.97
C ILE B 215 7.72 -15.25 -7.81
N PRO B 216 8.10 -16.53 -7.91
CA PRO B 216 7.28 -17.57 -8.51
C PRO B 216 5.97 -17.74 -7.82
N PHE B 217 4.85 -17.64 -8.56
CA PHE B 217 3.52 -17.78 -8.03
C PHE B 217 2.94 -19.07 -8.50
N ALA B 218 3.60 -19.77 -9.44
CA ALA B 218 3.26 -21.11 -9.79
C ALA B 218 4.61 -21.70 -10.07
N PRO B 219 5.00 -22.82 -9.50
CA PRO B 219 6.34 -23.37 -9.62
C PRO B 219 6.65 -23.75 -11.03
N LEU B 220 7.94 -23.71 -11.42
CA LEU B 220 8.42 -24.25 -12.68
C LEU B 220 8.18 -25.73 -12.64
N ASP B 221 7.64 -26.30 -13.72
CA ASP B 221 7.35 -27.69 -13.74
C ASP B 221 7.45 -28.09 -15.18
N TYR B 222 7.95 -29.32 -15.42
CA TYR B 222 8.17 -29.82 -16.75
C TYR B 222 8.28 -31.30 -16.61
N VAL B 223 8.03 -32.03 -17.72
CA VAL B 223 8.19 -33.47 -17.77
C VAL B 223 9.63 -33.71 -18.07
N THR B 224 10.28 -34.56 -17.25
CA THR B 224 11.71 -34.81 -17.29
C THR B 224 12.15 -35.38 -18.61
N GLY B 225 13.32 -34.91 -19.07
CA GLY B 225 13.87 -35.18 -20.38
C GLY B 225 13.93 -33.89 -21.11
N ALA B 226 13.20 -32.86 -20.62
CA ALA B 226 13.23 -31.52 -21.12
C ALA B 226 14.34 -30.80 -20.42
N SER B 227 14.60 -29.54 -20.80
CA SER B 227 15.64 -28.72 -20.20
C SER B 227 15.36 -28.51 -18.74
N SER B 228 16.42 -28.61 -17.90
CA SER B 228 16.26 -28.67 -16.46
C SER B 228 16.85 -27.44 -15.84
N TYR B 229 17.38 -26.51 -16.65
CA TYR B 229 17.97 -25.30 -16.20
C TYR B 229 17.34 -24.28 -17.07
N ILE B 230 16.58 -23.32 -16.50
CA ILE B 230 16.11 -22.18 -17.25
C ILE B 230 16.53 -21.02 -16.40
N PRO B 231 17.29 -20.04 -16.88
CA PRO B 231 17.75 -18.95 -16.05
C PRO B 231 16.77 -17.82 -16.19
N ILE B 232 16.87 -16.83 -15.28
CA ILE B 232 16.14 -15.59 -15.33
C ILE B 232 17.25 -14.59 -15.34
N THR B 233 17.25 -13.68 -16.32
CA THR B 233 18.28 -12.70 -16.49
C THR B 233 17.55 -11.41 -16.35
N VAL B 234 18.16 -10.43 -15.63
CA VAL B 234 17.55 -9.16 -15.42
C VAL B 234 18.55 -8.20 -15.98
N THR B 235 18.09 -7.33 -16.90
CA THR B 235 18.87 -6.25 -17.44
C THR B 235 18.14 -5.04 -16.96
N VAL B 236 18.84 -3.90 -16.79
CA VAL B 236 18.20 -2.69 -16.36
C VAL B 236 19.01 -1.60 -16.94
N ALA B 237 18.36 -0.53 -17.45
CA ALA B 237 19.04 0.56 -18.06
C ALA B 237 18.61 1.78 -17.34
N PRO B 238 19.46 2.55 -16.70
CA PRO B 238 19.23 3.93 -16.27
C PRO B 238 18.61 4.80 -17.34
N MET B 239 17.74 5.75 -16.97
CA MET B 239 17.14 6.63 -17.92
C MET B 239 17.17 7.99 -17.34
N SER B 240 17.79 8.94 -18.07
CA SER B 240 17.86 10.34 -17.75
C SER B 240 18.62 10.55 -16.47
N ALA B 241 19.75 9.83 -16.32
CA ALA B 241 20.61 9.95 -15.17
C ALA B 241 21.26 11.29 -15.16
N GLU B 242 21.35 11.91 -13.97
CA GLU B 242 22.09 13.12 -13.78
C GLU B 242 22.58 13.05 -12.40
N TYR B 243 23.75 13.65 -12.13
CA TYR B 243 24.42 13.55 -10.88
C TYR B 243 24.87 14.93 -10.62
N ASN B 244 25.19 15.26 -9.35
CA ASN B 244 25.45 16.62 -9.02
C ASN B 244 26.21 16.58 -7.74
N GLY B 245 27.01 17.62 -7.44
CA GLY B 245 27.71 17.73 -6.19
C GLY B 245 28.91 16.84 -6.19
N LEU B 246 29.85 17.07 -7.13
CA LEU B 246 31.04 16.31 -7.32
C LEU B 246 31.96 16.41 -6.14
N ARG B 247 32.61 15.30 -5.75
CA ARG B 247 33.57 15.28 -4.67
C ARG B 247 34.43 14.11 -4.98
N LEU B 248 35.49 13.89 -4.16
CA LEU B 248 36.43 12.80 -4.23
C LEU B 248 35.82 11.44 -4.38
N ALA B 249 36.64 10.45 -4.80
CA ALA B 249 36.28 9.07 -4.91
C ALA B 249 35.90 8.47 -3.60
N GLY B 250 34.99 7.49 -3.60
CA GLY B 250 34.72 6.67 -2.44
C GLY B 250 33.30 6.81 -2.02
N HIS B 251 33.02 6.32 -0.79
CA HIS B 251 31.70 6.22 -0.24
C HIS B 251 31.91 5.78 1.19
N GLN B 252 33.02 6.26 1.80
CA GLN B 252 33.42 5.94 3.14
C GLN B 252 32.56 6.71 4.17
N GLY C 1 -20.28 43.35 25.43
CA GLY C 1 -20.01 42.55 24.21
C GLY C 1 -21.28 42.13 23.56
N LEU C 2 -21.18 41.10 22.69
CA LEU C 2 -22.28 40.58 21.93
C LEU C 2 -22.94 39.54 22.79
N PRO C 3 -24.23 39.54 23.08
CA PRO C 3 -24.79 38.61 24.03
C PRO C 3 -25.08 37.33 23.30
N THR C 4 -24.42 36.23 23.71
CA THR C 4 -24.48 34.97 23.05
C THR C 4 -24.67 33.95 24.14
N MET C 5 -25.11 32.74 23.78
CA MET C 5 -25.27 31.67 24.71
C MET C 5 -24.66 30.46 24.09
N LEU C 6 -24.39 29.43 24.92
CA LEU C 6 -23.67 28.26 24.50
C LEU C 6 -24.65 27.14 24.42
N THR C 7 -24.91 26.67 23.18
CA THR C 7 -25.75 25.54 22.87
C THR C 7 -25.12 24.26 23.39
N PRO C 8 -25.85 23.21 23.72
CA PRO C 8 -25.35 21.88 24.03
C PRO C 8 -24.23 21.39 23.15
N GLY C 9 -23.17 20.85 23.78
CA GLY C 9 -22.00 20.30 23.12
C GLY C 9 -21.18 21.46 22.69
N SER C 10 -20.16 21.84 23.48
CA SER C 10 -19.47 23.07 23.20
C SER C 10 -18.15 23.11 23.91
N THR C 11 -17.88 22.12 24.78
CA THR C 11 -16.56 21.93 25.33
C THR C 11 -16.15 20.53 24.97
N GLN C 12 -16.89 19.89 24.05
CA GLN C 12 -16.63 18.54 23.63
C GLN C 12 -15.49 18.52 22.68
N PHE C 13 -14.86 17.34 22.52
CA PHE C 13 -13.87 17.08 21.54
C PHE C 13 -14.46 15.94 20.80
N LEU C 14 -14.71 16.13 19.50
CA LEU C 14 -15.30 15.15 18.65
C LEU C 14 -14.23 14.88 17.68
N THR C 15 -13.92 13.59 17.42
CA THR C 15 -12.76 13.22 16.65
C THR C 15 -12.97 13.43 15.17
N SER C 16 -14.24 13.50 14.73
CA SER C 16 -14.58 13.57 13.33
C SER C 16 -14.89 14.97 12.91
N ASP C 17 -14.66 15.98 13.79
CA ASP C 17 -14.93 17.37 13.50
C ASP C 17 -13.87 17.91 12.60
N ASP C 18 -14.12 19.11 12.05
CA ASP C 18 -13.07 19.93 11.51
C ASP C 18 -13.45 21.32 11.86
N PHE C 19 -12.54 21.98 12.60
CA PHE C 19 -12.67 23.34 13.01
C PHE C 19 -11.30 23.90 12.79
N GLN C 20 -11.20 25.23 12.80
CA GLN C 20 -9.97 25.94 12.69
C GLN C 20 -9.37 26.02 14.05
N SER C 21 -8.02 26.09 14.13
CA SER C 21 -7.36 26.17 15.40
C SER C 21 -6.09 26.94 15.15
N PRO C 22 -5.60 27.77 16.06
CA PRO C 22 -4.46 28.64 15.85
C PRO C 22 -3.20 27.87 15.61
N SER C 23 -2.36 28.30 14.63
CA SER C 23 -1.10 27.69 14.31
C SER C 23 -0.13 27.81 15.46
N ALA C 24 0.77 26.83 15.60
CA ALA C 24 1.71 26.78 16.68
C ALA C 24 3.05 27.29 16.24
N MET C 25 3.22 27.57 14.93
CA MET C 25 4.34 28.33 14.46
C MET C 25 3.77 29.31 13.48
N PRO C 26 3.46 30.54 13.83
CA PRO C 26 3.00 31.57 12.92
C PRO C 26 3.98 31.86 11.82
N GLN C 27 3.50 32.06 10.58
CA GLN C 27 4.30 32.42 9.43
C GLN C 27 5.38 31.43 9.16
N PHE C 28 5.01 30.15 9.09
CA PHE C 28 5.92 29.08 8.84
C PHE C 28 5.90 28.89 7.36
N ASP C 29 7.10 28.77 6.74
CA ASP C 29 7.24 28.61 5.32
C ASP C 29 7.38 27.13 5.09
N VAL C 30 6.30 26.48 4.59
CA VAL C 30 6.28 25.08 4.26
C VAL C 30 7.17 24.82 3.09
N THR C 31 7.77 23.61 3.01
CA THR C 31 8.65 23.22 1.94
C THR C 31 7.86 23.16 0.66
N PRO C 32 8.32 23.62 -0.50
CA PRO C 32 7.64 23.48 -1.77
C PRO C 32 7.21 22.09 -2.10
N GLU C 33 6.13 21.95 -2.88
CA GLU C 33 5.69 20.69 -3.41
C GLU C 33 6.52 20.35 -4.61
N MET C 34 6.56 19.05 -4.94
CA MET C 34 7.12 18.60 -6.19
C MET C 34 6.17 17.52 -6.58
N ASN C 35 6.23 17.11 -7.86
CA ASN C 35 5.39 16.06 -8.35
C ASN C 35 6.12 14.78 -8.10
N ILE C 36 5.71 14.06 -7.04
CA ILE C 36 6.18 12.74 -6.74
C ILE C 36 5.21 11.88 -7.49
N PRO C 37 5.59 10.92 -8.31
CA PRO C 37 4.67 10.07 -9.06
C PRO C 37 3.66 9.37 -8.21
N GLY C 38 2.47 9.09 -8.75
CA GLY C 38 1.53 8.17 -8.18
C GLY C 38 0.79 8.72 -7.01
N GLN C 39 0.32 9.98 -7.06
CA GLN C 39 -0.53 10.53 -6.04
C GLN C 39 -1.84 9.79 -5.97
N VAL C 40 -2.26 9.40 -4.75
CA VAL C 40 -3.51 8.76 -4.49
C VAL C 40 -4.42 9.86 -4.09
N ARG C 41 -5.66 9.89 -4.63
CA ARG C 41 -6.63 10.90 -4.28
C ARG C 41 -7.86 10.24 -3.76
N ASN C 42 -7.96 8.90 -3.87
CA ASN C 42 -9.16 8.22 -3.49
C ASN C 42 -8.72 6.81 -3.33
N LEU C 43 -9.45 5.99 -2.55
CA LEU C 43 -9.06 4.63 -2.25
C LEU C 43 -9.82 3.69 -3.12
N MET C 44 -10.38 4.21 -4.22
CA MET C 44 -10.91 3.42 -5.30
C MET C 44 -9.97 3.60 -6.44
N GLU C 45 -8.70 3.87 -6.10
CA GLU C 45 -7.60 3.90 -7.02
C GLU C 45 -6.63 2.89 -6.48
N ILE C 46 -7.04 2.07 -5.49
CA ILE C 46 -6.23 1.05 -4.91
C ILE C 46 -7.10 -0.17 -4.87
N ALA C 47 -8.44 0.03 -4.82
CA ALA C 47 -9.35 -1.06 -4.69
C ALA C 47 -9.84 -1.48 -6.04
N GLU C 48 -9.38 -0.85 -7.12
CA GLU C 48 -9.72 -1.19 -8.48
C GLU C 48 -8.52 -1.82 -9.13
N VAL C 49 -7.54 -2.29 -8.33
CA VAL C 49 -6.32 -2.88 -8.81
C VAL C 49 -6.41 -4.32 -8.42
N ASP C 50 -6.00 -5.24 -9.33
CA ASP C 50 -5.98 -6.67 -9.15
C ASP C 50 -5.14 -7.05 -7.96
N SER C 51 -5.54 -8.09 -7.23
CA SER C 51 -4.78 -8.56 -6.12
C SER C 51 -5.04 -10.02 -6.10
N VAL C 52 -3.99 -10.86 -5.95
CA VAL C 52 -4.10 -12.30 -5.95
C VAL C 52 -4.88 -12.72 -4.74
N VAL C 53 -5.74 -13.74 -4.91
CA VAL C 53 -6.73 -14.11 -3.93
C VAL C 53 -6.30 -15.45 -3.44
N PRO C 54 -6.25 -15.74 -2.16
CA PRO C 54 -5.81 -17.03 -1.68
C PRO C 54 -7.01 -17.94 -1.62
N ILE C 55 -7.30 -18.66 -2.73
CA ILE C 55 -8.49 -19.47 -2.89
C ILE C 55 -8.18 -20.89 -2.54
N ASN C 56 -6.99 -21.16 -1.96
CA ASN C 56 -6.61 -22.49 -1.57
C ASN C 56 -6.01 -22.32 -0.21
N ASN C 57 -6.75 -21.62 0.66
CA ASN C 57 -6.37 -21.40 2.03
C ASN C 57 -7.01 -22.50 2.83
N LEU C 58 -6.21 -23.50 3.24
CA LEU C 58 -6.69 -24.66 3.92
C LEU C 58 -6.25 -24.53 5.34
N GLN C 59 -5.04 -25.00 5.67
CA GLN C 59 -4.56 -24.93 7.03
C GLN C 59 -3.10 -25.23 7.08
N ALA C 60 -2.52 -25.65 5.94
CA ALA C 60 -1.12 -25.95 5.83
C ALA C 60 -0.56 -25.15 4.70
N ASN C 61 -1.40 -24.31 4.07
CA ASN C 61 -1.02 -23.57 2.89
C ASN C 61 -0.93 -22.12 3.25
N LEU C 62 -1.17 -21.76 4.53
CA LEU C 62 -1.38 -20.40 4.92
C LEU C 62 -0.09 -19.62 5.01
N LYS C 63 1.06 -20.31 5.23
CA LYS C 63 2.34 -19.65 5.41
C LYS C 63 3.25 -20.04 4.30
N THR C 64 2.70 -20.56 3.19
CA THR C 64 3.46 -20.93 2.02
C THR C 64 2.87 -20.12 0.90
N MET C 65 3.30 -20.42 -0.34
CA MET C 65 2.89 -19.71 -1.52
C MET C 65 1.81 -20.52 -2.18
N GLU C 66 1.44 -21.67 -1.58
CA GLU C 66 0.48 -22.62 -2.09
C GLU C 66 -0.91 -22.09 -1.92
N ALA C 67 -1.08 -21.05 -1.09
CA ALA C 67 -2.33 -20.40 -0.80
C ALA C 67 -2.98 -19.84 -2.02
N TYR C 68 -2.18 -19.29 -2.95
CA TYR C 68 -2.66 -18.42 -3.98
C TYR C 68 -3.00 -19.15 -5.25
N ARG C 69 -2.91 -20.49 -5.27
CA ARG C 69 -3.10 -21.22 -6.49
C ARG C 69 -3.83 -22.47 -6.13
N VAL C 70 -4.79 -22.87 -6.98
CA VAL C 70 -5.59 -24.04 -6.80
C VAL C 70 -5.25 -24.91 -7.96
N GLN C 71 -5.00 -26.21 -7.70
CA GLN C 71 -4.57 -27.13 -8.72
C GLN C 71 -5.75 -27.63 -9.48
N VAL C 72 -5.68 -27.47 -10.80
CA VAL C 72 -6.65 -27.94 -11.75
C VAL C 72 -5.84 -28.92 -12.52
N ARG C 73 -6.47 -30.02 -12.99
CA ARG C 73 -5.71 -31.10 -13.54
C ARG C 73 -6.59 -31.87 -14.44
N SER C 74 -5.98 -32.65 -15.34
CA SER C 74 -6.65 -33.59 -16.21
C SER C 74 -7.29 -34.65 -15.36
N THR C 75 -8.51 -35.06 -15.72
CA THR C 75 -9.31 -35.99 -14.96
C THR C 75 -9.75 -37.03 -15.94
N ASP C 76 -10.25 -38.17 -15.43
CA ASP C 76 -10.62 -39.30 -16.26
C ASP C 76 -12.10 -39.51 -16.13
N GLU C 77 -12.83 -38.56 -15.51
CA GLU C 77 -14.25 -38.64 -15.33
C GLU C 77 -14.81 -37.45 -16.04
N MET C 78 -14.96 -36.33 -15.30
CA MET C 78 -15.38 -35.08 -15.84
C MET C 78 -14.79 -34.01 -14.96
N GLY C 79 -14.51 -34.36 -13.70
CA GLY C 79 -14.06 -33.43 -12.69
C GLY C 79 -15.24 -32.68 -12.14
N GLY C 80 -15.18 -32.36 -10.84
CA GLY C 80 -16.28 -31.80 -10.11
C GLY C 80 -16.19 -30.31 -10.16
N GLN C 81 -16.00 -29.72 -8.98
CA GLN C 81 -16.02 -28.31 -8.76
C GLN C 81 -14.64 -28.01 -8.28
N ILE C 82 -13.91 -27.12 -8.97
CA ILE C 82 -12.56 -26.75 -8.65
C ILE C 82 -12.50 -26.06 -7.31
N PHE C 83 -13.40 -25.08 -7.07
CA PHE C 83 -13.43 -24.36 -5.83
C PHE C 83 -14.77 -23.68 -5.76
N GLY C 84 -15.12 -23.15 -4.58
CA GLY C 84 -16.30 -22.35 -4.44
C GLY C 84 -16.25 -21.81 -3.06
N PHE C 85 -16.70 -20.55 -2.89
CA PHE C 85 -16.65 -19.89 -1.62
C PHE C 85 -17.80 -18.94 -1.62
N PRO C 86 -18.46 -18.62 -0.52
CA PRO C 86 -19.43 -17.55 -0.46
C PRO C 86 -18.79 -16.22 -0.74
N LEU C 87 -19.34 -15.45 -1.71
CA LEU C 87 -18.97 -14.07 -1.93
C LEU C 87 -19.43 -13.28 -0.74
N GLN C 88 -18.61 -12.31 -0.27
CA GLN C 88 -18.92 -11.40 0.80
C GLN C 88 -17.61 -10.77 1.22
N PRO C 89 -16.95 -9.97 0.39
CA PRO C 89 -15.60 -9.48 0.64
C PRO C 89 -15.49 -8.72 1.93
N GLY C 90 -14.37 -8.92 2.65
CA GLY C 90 -14.13 -8.27 3.91
C GLY C 90 -14.82 -8.98 5.04
N ALA C 91 -15.18 -10.27 4.84
CA ALA C 91 -15.78 -11.06 5.88
C ALA C 91 -15.75 -12.49 5.46
N SER C 92 -15.37 -12.75 4.19
CA SER C 92 -15.12 -14.08 3.70
C SER C 92 -13.66 -14.27 3.93
N SER C 93 -13.25 -15.47 4.38
CA SER C 93 -11.87 -15.80 4.66
C SER C 93 -10.99 -15.64 3.45
N VAL C 94 -11.51 -16.02 2.28
CA VAL C 94 -10.87 -15.95 1.00
C VAL C 94 -10.52 -14.55 0.60
N LEU C 95 -11.42 -13.57 0.78
CA LEU C 95 -11.30 -12.28 0.12
C LEU C 95 -10.93 -11.18 1.07
N GLN C 96 -10.73 -11.45 2.37
CA GLN C 96 -10.71 -10.34 3.31
C GLN C 96 -9.34 -9.83 3.58
N ARG C 97 -8.28 -10.47 3.07
CA ARG C 97 -6.92 -10.03 3.32
C ARG C 97 -6.28 -9.62 2.03
N THR C 98 -7.08 -9.32 0.99
CA THR C 98 -6.59 -8.84 -0.28
C THR C 98 -6.68 -7.32 -0.23
N LEU C 99 -6.73 -6.65 -1.39
CA LEU C 99 -6.82 -5.20 -1.45
C LEU C 99 -8.24 -4.77 -1.63
N LEU C 100 -9.18 -5.73 -1.63
CA LEU C 100 -10.58 -5.43 -1.66
C LEU C 100 -11.07 -6.21 -0.48
N GLY C 101 -10.46 -5.93 0.68
CA GLY C 101 -10.83 -6.61 1.87
C GLY C 101 -10.08 -6.02 3.01
N GLU C 102 -8.98 -5.29 2.74
CA GLU C 102 -8.26 -4.58 3.76
C GLU C 102 -8.37 -3.14 3.45
N ILE C 103 -9.25 -2.78 2.50
CA ILE C 103 -9.59 -1.42 2.18
C ILE C 103 -11.09 -1.39 2.26
N LEU C 104 -11.76 -2.54 2.53
CA LEU C 104 -13.16 -2.55 2.85
C LEU C 104 -13.32 -2.71 4.31
N ASN C 105 -12.25 -3.05 5.07
CA ASN C 105 -12.37 -3.28 6.48
C ASN C 105 -11.94 -2.05 7.20
N TYR C 106 -12.03 -0.90 6.50
CA TYR C 106 -12.05 0.39 7.10
C TYR C 106 -13.39 1.00 6.84
N TYR C 107 -14.37 0.22 6.36
CA TYR C 107 -15.69 0.70 6.04
C TYR C 107 -16.66 -0.34 6.46
N THR C 108 -17.95 0.01 6.53
CA THR C 108 -18.98 -0.88 6.99
C THR C 108 -20.09 -0.91 5.98
N HIS C 109 -19.87 -0.40 4.76
CA HIS C 109 -20.85 -0.47 3.72
C HIS C 109 -20.05 -0.57 2.46
N TRP C 110 -20.59 -1.22 1.43
CA TRP C 110 -19.92 -1.34 0.17
C TRP C 110 -21.01 -1.56 -0.81
N SER C 111 -20.76 -1.27 -2.11
CA SER C 111 -21.75 -1.47 -3.11
C SER C 111 -21.04 -1.60 -4.42
N GLY C 112 -21.80 -1.96 -5.46
CA GLY C 112 -21.34 -2.01 -6.82
C GLY C 112 -20.70 -3.31 -7.12
N SER C 113 -20.61 -3.61 -8.43
CA SER C 113 -20.00 -4.77 -9.01
C SER C 113 -18.54 -4.84 -8.71
N LEU C 114 -18.03 -6.06 -8.53
CA LEU C 114 -16.62 -6.34 -8.47
C LEU C 114 -16.41 -7.35 -9.55
N LYS C 115 -15.16 -7.80 -9.75
CA LYS C 115 -14.88 -8.69 -10.82
C LYS C 115 -13.70 -9.51 -10.41
N LEU C 116 -13.67 -10.77 -10.88
CA LEU C 116 -12.66 -11.73 -10.57
C LEU C 116 -12.06 -12.05 -11.89
N THR C 117 -10.71 -12.05 -11.99
CA THR C 117 -10.04 -12.31 -13.22
C THR C 117 -9.20 -13.50 -12.96
N PHE C 118 -9.44 -14.61 -13.68
CA PHE C 118 -8.72 -15.84 -13.50
C PHE C 118 -7.61 -15.84 -14.49
N VAL C 119 -6.59 -16.69 -14.27
CA VAL C 119 -5.45 -16.76 -15.15
C VAL C 119 -5.02 -18.18 -15.07
N PHE C 120 -4.55 -18.74 -16.20
CA PHE C 120 -4.22 -20.14 -16.33
C PHE C 120 -2.74 -20.14 -16.43
N CYS C 121 -2.07 -21.00 -15.63
CA CYS C 121 -0.64 -21.01 -15.50
C CYS C 121 -0.13 -22.32 -15.99
N GLY C 122 -0.92 -23.06 -16.80
CA GLY C 122 -0.53 -24.31 -17.40
C GLY C 122 0.50 -24.13 -18.47
N SER C 123 0.76 -25.20 -19.25
CA SER C 123 1.69 -25.18 -20.34
C SER C 123 1.00 -24.56 -21.52
N ALA C 124 1.73 -24.32 -22.61
CA ALA C 124 1.20 -23.63 -23.76
C ALA C 124 0.63 -24.61 -24.72
N MET C 125 0.68 -25.92 -24.40
CA MET C 125 0.06 -26.96 -25.17
C MET C 125 -1.13 -27.50 -24.43
N ALA C 126 -1.36 -27.05 -23.18
CA ALA C 126 -2.52 -27.44 -22.41
C ALA C 126 -3.63 -26.51 -22.78
N THR C 127 -4.88 -27.01 -22.71
CA THR C 127 -6.03 -26.27 -23.13
C THR C 127 -7.18 -26.86 -22.37
N GLY C 128 -8.25 -26.08 -22.15
CA GLY C 128 -9.41 -26.57 -21.46
C GLY C 128 -10.36 -25.43 -21.35
N LYS C 129 -11.60 -25.73 -20.93
CA LYS C 129 -12.61 -24.74 -20.70
C LYS C 129 -13.08 -24.94 -19.30
N PHE C 130 -13.61 -23.88 -18.68
CA PHE C 130 -14.07 -23.89 -17.31
C PHE C 130 -15.27 -23.02 -17.30
N LEU C 131 -16.27 -23.38 -16.48
CA LEU C 131 -17.48 -22.63 -16.33
C LEU C 131 -17.35 -21.96 -15.02
N LEU C 132 -17.20 -20.61 -15.05
CA LEU C 132 -17.12 -19.75 -13.91
C LEU C 132 -18.54 -19.40 -13.61
N ALA C 133 -18.92 -19.12 -12.35
CA ALA C 133 -20.31 -18.89 -12.07
C ALA C 133 -20.45 -18.11 -10.82
N TYR C 134 -21.62 -17.46 -10.68
CA TYR C 134 -22.03 -16.70 -9.55
C TYR C 134 -23.48 -16.98 -9.44
N SER C 135 -23.97 -17.33 -8.23
CA SER C 135 -25.35 -17.62 -8.00
C SER C 135 -25.76 -16.66 -6.92
N PRO C 136 -26.71 -15.75 -7.12
CA PRO C 136 -27.30 -14.93 -6.08
C PRO C 136 -27.82 -15.74 -4.91
N PRO C 137 -27.84 -15.25 -3.67
CA PRO C 137 -28.26 -16.01 -2.51
C PRO C 137 -29.68 -16.47 -2.60
N GLY C 138 -30.07 -17.46 -1.78
CA GLY C 138 -31.44 -17.87 -1.64
C GLY C 138 -31.62 -19.27 -2.14
N ALA C 139 -30.56 -20.08 -2.10
CA ALA C 139 -30.65 -21.44 -2.54
C ALA C 139 -29.43 -22.18 -2.10
N GLY C 140 -28.48 -21.49 -1.44
CA GLY C 140 -27.20 -22.04 -1.09
C GLY C 140 -26.34 -22.18 -2.31
N ALA C 141 -25.11 -22.71 -2.14
CA ALA C 141 -24.19 -22.94 -3.23
C ALA C 141 -24.76 -23.97 -4.16
N PRO C 142 -24.60 -23.91 -5.48
CA PRO C 142 -24.93 -24.99 -6.39
C PRO C 142 -24.14 -26.22 -6.08
N ASP C 143 -24.74 -27.41 -6.28
CA ASP C 143 -24.14 -28.66 -5.89
C ASP C 143 -23.90 -29.51 -7.10
N SER C 144 -24.11 -28.95 -8.31
CA SER C 144 -23.87 -29.66 -9.54
C SER C 144 -23.67 -28.61 -10.57
N ARG C 145 -23.09 -28.98 -11.73
CA ARG C 145 -22.82 -28.04 -12.79
C ARG C 145 -24.10 -27.64 -13.45
N LYS C 146 -25.14 -28.50 -13.38
CA LYS C 146 -26.47 -28.23 -13.88
C LYS C 146 -27.09 -27.05 -13.20
N ASN C 147 -26.95 -26.95 -11.86
CA ASN C 147 -27.54 -25.86 -11.11
C ASN C 147 -26.67 -24.65 -11.16
N ALA C 148 -25.37 -24.79 -11.48
CA ALA C 148 -24.44 -23.70 -11.42
C ALA C 148 -24.57 -22.80 -12.60
N MET C 149 -25.14 -23.30 -13.71
CA MET C 149 -25.19 -22.57 -14.95
C MET C 149 -26.50 -21.85 -15.08
N LEU C 150 -27.38 -21.97 -14.07
CA LEU C 150 -28.62 -21.24 -14.04
C LEU C 150 -28.35 -19.85 -13.54
N GLY C 151 -27.30 -19.67 -12.70
CA GLY C 151 -26.82 -18.37 -12.29
C GLY C 151 -26.14 -17.69 -13.44
N THR C 152 -25.65 -16.45 -13.23
CA THR C 152 -24.82 -15.77 -14.21
C THR C 152 -23.53 -16.53 -14.29
N HIS C 153 -22.93 -16.64 -15.49
CA HIS C 153 -21.80 -17.50 -15.65
C HIS C 153 -21.10 -17.05 -16.88
N VAL C 154 -19.80 -17.42 -17.01
CA VAL C 154 -19.01 -17.07 -18.14
C VAL C 154 -18.23 -18.32 -18.42
N ILE C 155 -18.28 -18.86 -19.65
CA ILE C 155 -17.47 -19.98 -20.05
C ILE C 155 -16.18 -19.38 -20.51
N TRP C 156 -15.09 -19.73 -19.80
CA TRP C 156 -13.75 -19.31 -20.06
C TRP C 156 -13.19 -20.36 -20.94
N ASP C 157 -12.49 -19.95 -22.02
CA ASP C 157 -11.82 -20.85 -22.91
C ASP C 157 -10.40 -20.38 -22.86
N VAL C 158 -9.47 -21.30 -22.57
CA VAL C 158 -8.06 -21.01 -22.47
C VAL C 158 -7.52 -21.05 -23.87
N GLY C 159 -6.97 -19.90 -24.32
CA GLY C 159 -6.43 -19.74 -25.65
C GLY C 159 -5.16 -18.96 -25.49
N LEU C 160 -4.81 -18.13 -26.50
CA LEU C 160 -3.69 -17.20 -26.43
C LEU C 160 -3.89 -16.21 -25.31
N GLN C 161 -5.13 -15.66 -25.19
CA GLN C 161 -5.54 -14.87 -24.07
C GLN C 161 -5.60 -15.79 -22.89
N SER C 162 -4.97 -15.40 -21.77
CA SER C 162 -4.67 -16.32 -20.71
C SER C 162 -5.61 -16.07 -19.58
N SER C 163 -6.51 -15.07 -19.68
CA SER C 163 -7.27 -14.63 -18.54
C SER C 163 -8.63 -14.30 -19.02
N CYS C 164 -9.63 -14.44 -18.13
CA CYS C 164 -11.01 -14.21 -18.45
C CYS C 164 -11.61 -13.71 -17.19
N VAL C 165 -12.54 -12.74 -17.32
CA VAL C 165 -13.03 -11.96 -16.22
C VAL C 165 -14.46 -12.35 -16.05
N LEU C 166 -14.78 -12.97 -14.89
CA LEU C 166 -16.14 -13.11 -14.45
C LEU C 166 -16.42 -11.85 -13.72
N CYS C 167 -17.31 -11.00 -14.26
CA CYS C 167 -17.65 -9.77 -13.63
C CYS C 167 -18.96 -10.07 -13.00
N VAL C 168 -18.98 -10.18 -11.65
CA VAL C 168 -20.19 -10.40 -10.90
C VAL C 168 -21.02 -9.16 -11.03
N PRO C 169 -22.33 -9.21 -11.09
CA PRO C 169 -23.13 -8.02 -11.25
C PRO C 169 -23.40 -7.56 -9.85
N TRP C 170 -24.23 -6.52 -9.66
CA TRP C 170 -24.55 -6.04 -8.34
C TRP C 170 -25.61 -6.95 -7.80
N ILE C 171 -26.90 -6.63 -8.01
CA ILE C 171 -28.04 -7.44 -7.63
C ILE C 171 -28.15 -7.42 -6.13
N SER C 172 -29.00 -6.54 -5.58
CA SER C 172 -29.19 -6.50 -4.16
C SER C 172 -30.49 -5.80 -3.97
N GLN C 173 -31.14 -6.02 -2.81
CA GLN C 173 -32.38 -5.40 -2.45
C GLN C 173 -32.14 -4.21 -1.57
N THR C 174 -30.86 -3.80 -1.42
CA THR C 174 -30.46 -2.65 -0.68
C THR C 174 -29.41 -2.02 -1.54
N HIS C 175 -29.16 -0.71 -1.33
CA HIS C 175 -28.18 0.02 -2.10
C HIS C 175 -26.79 -0.25 -1.60
N TYR C 176 -26.64 -0.81 -0.38
CA TYR C 176 -25.37 -1.12 0.19
C TYR C 176 -25.54 -2.38 0.96
N ARG C 177 -24.47 -3.19 1.03
CA ARG C 177 -24.40 -4.41 1.79
C ARG C 177 -23.37 -4.18 2.84
N TYR C 178 -23.59 -4.70 4.06
CA TYR C 178 -22.63 -4.61 5.13
C TYR C 178 -21.37 -5.35 4.79
N VAL C 179 -20.21 -4.80 5.19
CA VAL C 179 -18.91 -5.42 5.02
C VAL C 179 -18.83 -6.68 5.82
N VAL C 180 -19.29 -6.63 7.08
CA VAL C 180 -19.33 -7.75 8.00
C VAL C 180 -20.35 -8.73 7.53
N ASP C 181 -20.18 -10.01 7.93
CA ASP C 181 -21.08 -11.09 7.63
C ASP C 181 -22.39 -10.84 8.32
N ASP C 182 -23.50 -10.81 7.55
CA ASP C 182 -24.80 -10.58 8.08
C ASP C 182 -25.69 -11.40 7.20
N LYS C 183 -26.65 -12.12 7.81
CA LYS C 183 -27.47 -13.08 7.11
C LYS C 183 -28.56 -12.40 6.34
N TYR C 184 -28.90 -11.15 6.73
CA TYR C 184 -29.87 -10.32 6.07
C TYR C 184 -29.46 -10.00 4.67
N THR C 185 -28.16 -9.74 4.46
CA THR C 185 -27.70 -9.12 3.27
C THR C 185 -26.53 -9.94 2.79
N ALA C 186 -26.78 -11.26 2.64
CA ALA C 186 -25.91 -12.24 2.05
C ALA C 186 -25.68 -11.90 0.61
N SER C 187 -24.49 -12.27 0.07
CA SER C 187 -24.03 -11.75 -1.19
C SER C 187 -23.83 -12.85 -2.19
N GLY C 188 -24.33 -14.08 -1.96
CA GLY C 188 -24.30 -15.12 -2.95
C GLY C 188 -23.03 -15.90 -2.89
N PHE C 189 -22.72 -16.66 -3.97
CA PHE C 189 -21.70 -17.68 -3.95
C PHE C 189 -21.02 -17.65 -5.27
N ILE C 190 -19.72 -18.00 -5.29
CA ILE C 190 -18.90 -18.13 -6.47
C ILE C 190 -18.57 -19.58 -6.50
N SER C 191 -18.52 -20.17 -7.72
CA SER C 191 -18.23 -21.55 -7.89
C SER C 191 -17.62 -21.66 -9.25
N CYS C 192 -16.82 -22.72 -9.48
CA CYS C 192 -16.09 -22.87 -10.70
C CYS C 192 -16.04 -24.34 -10.95
N TRP C 193 -16.22 -24.76 -12.22
CA TRP C 193 -16.47 -26.12 -12.57
C TRP C 193 -15.69 -26.38 -13.82
N TYR C 194 -15.51 -27.67 -14.18
CA TYR C 194 -14.90 -28.03 -15.44
C TYR C 194 -16.00 -28.07 -16.44
N GLN C 195 -15.95 -27.15 -17.44
CA GLN C 195 -16.81 -27.18 -18.59
C GLN C 195 -16.48 -28.37 -19.44
N THR C 196 -15.17 -28.66 -19.61
CA THR C 196 -14.72 -29.76 -20.44
C THR C 196 -13.72 -30.47 -19.58
N ASN C 197 -12.41 -30.32 -19.85
CA ASN C 197 -11.39 -31.02 -19.13
C ASN C 197 -10.14 -30.28 -19.53
N VAL C 198 -9.03 -30.47 -18.77
CA VAL C 198 -7.74 -30.02 -19.19
C VAL C 198 -7.17 -31.18 -19.95
N ILE C 199 -6.87 -30.96 -21.25
CA ILE C 199 -6.36 -31.97 -22.14
C ILE C 199 -5.02 -31.44 -22.50
N VAL C 200 -3.98 -32.29 -22.40
CA VAL C 200 -2.63 -31.84 -22.54
C VAL C 200 -1.88 -33.00 -23.16
N PRO C 201 -0.94 -32.83 -24.10
CA PRO C 201 -0.11 -33.88 -24.66
C PRO C 201 0.65 -34.70 -23.67
N ALA C 202 1.27 -35.80 -24.16
CA ALA C 202 1.99 -36.76 -23.36
C ALA C 202 3.16 -36.18 -22.61
N GLU C 203 3.91 -35.26 -23.25
CA GLU C 203 5.20 -34.83 -22.76
C GLU C 203 5.08 -33.51 -22.04
N ALA C 204 3.88 -33.18 -21.54
CA ALA C 204 3.70 -32.02 -20.70
C ALA C 204 2.89 -32.49 -19.53
N GLN C 205 2.99 -31.71 -18.43
CA GLN C 205 2.40 -31.98 -17.14
C GLN C 205 0.90 -32.05 -17.16
N LYS C 206 0.32 -32.89 -16.27
CA LYS C 206 -1.10 -33.10 -16.20
C LYS C 206 -1.69 -32.22 -15.15
N SER C 207 -0.86 -31.41 -14.47
CA SER C 207 -1.31 -30.53 -13.42
C SER C 207 -0.96 -29.16 -13.87
N CYS C 208 -1.92 -28.23 -13.72
CA CYS C 208 -1.76 -26.83 -14.04
C CYS C 208 -2.23 -26.14 -12.82
N TYR C 209 -2.41 -24.81 -12.89
CA TYR C 209 -2.87 -24.04 -11.77
C TYR C 209 -3.71 -22.94 -12.32
N ILE C 210 -4.69 -22.51 -11.52
CA ILE C 210 -5.55 -21.40 -11.81
C ILE C 210 -5.31 -20.51 -10.64
N MET C 211 -5.21 -19.19 -10.87
CA MET C 211 -5.10 -18.23 -9.82
C MET C 211 -6.21 -17.28 -10.08
N CYS C 212 -6.64 -16.57 -9.03
CA CYS C 212 -7.78 -15.72 -9.07
C CYS C 212 -7.27 -14.38 -8.66
N PHE C 213 -7.82 -13.30 -9.23
CA PHE C 213 -7.50 -11.94 -8.88
C PHE C 213 -8.83 -11.34 -8.53
N VAL C 214 -8.84 -10.19 -7.81
CA VAL C 214 -10.07 -9.55 -7.42
C VAL C 214 -9.80 -8.09 -7.48
N SER C 215 -10.77 -7.33 -8.01
CA SER C 215 -10.67 -5.92 -8.12
C SER C 215 -12.08 -5.46 -8.21
N ALA C 216 -12.33 -4.19 -7.85
CA ALA C 216 -13.62 -3.59 -7.93
C ALA C 216 -13.78 -2.99 -9.29
N CYS C 217 -15.05 -2.82 -9.72
CA CYS C 217 -15.39 -2.15 -10.94
C CYS C 217 -15.49 -0.70 -10.64
N ASN C 218 -15.86 0.11 -11.65
CA ASN C 218 -15.82 1.54 -11.60
C ASN C 218 -17.13 2.08 -11.07
N ASP C 219 -18.00 1.21 -10.51
CA ASP C 219 -19.28 1.59 -9.97
C ASP C 219 -19.29 1.31 -8.49
N PHE C 220 -18.12 1.09 -7.88
CA PHE C 220 -17.98 0.57 -6.55
C PHE C 220 -17.78 1.73 -5.61
N SER C 221 -18.34 1.68 -4.39
CA SER C 221 -18.18 2.75 -3.44
C SER C 221 -18.40 2.18 -2.08
N VAL C 222 -18.00 2.92 -1.02
CA VAL C 222 -18.09 2.48 0.34
C VAL C 222 -18.52 3.66 1.14
N ARG C 223 -18.96 3.43 2.40
CA ARG C 223 -19.35 4.50 3.28
C ARG C 223 -19.01 4.09 4.68
N MET C 224 -18.73 5.11 5.52
CA MET C 224 -18.77 5.06 6.95
C MET C 224 -17.62 4.31 7.54
N LEU C 225 -16.63 5.05 8.10
CA LEU C 225 -15.41 4.46 8.59
C LEU C 225 -15.58 3.77 9.89
N ARG C 226 -14.74 2.74 10.10
CA ARG C 226 -14.58 2.07 11.35
C ARG C 226 -13.16 1.62 11.32
N ASP C 227 -12.54 1.41 12.50
CA ASP C 227 -11.20 0.87 12.57
C ASP C 227 -11.22 -0.59 12.21
N THR C 228 -10.14 -1.05 11.54
CA THR C 228 -9.94 -2.42 11.12
C THR C 228 -9.66 -3.25 12.34
N GLN C 229 -10.03 -4.55 12.26
CA GLN C 229 -9.91 -5.48 13.36
C GLN C 229 -8.87 -6.52 13.07
N PHE C 230 -7.96 -6.24 12.10
CA PHE C 230 -6.92 -7.15 11.70
C PHE C 230 -5.61 -6.79 12.36
N ILE C 231 -5.61 -5.81 13.28
CA ILE C 231 -4.39 -5.34 13.88
C ILE C 231 -4.75 -5.10 15.31
N LYS C 232 -3.78 -5.30 16.22
CA LYS C 232 -4.04 -5.25 17.64
C LYS C 232 -2.72 -5.10 18.32
N GLN C 233 -2.76 -4.68 19.61
CA GLN C 233 -1.57 -4.49 20.38
C GLN C 233 -2.02 -4.62 21.79
N ASP C 234 -1.08 -4.85 22.72
CA ASP C 234 -1.39 -4.99 24.12
C ASP C 234 -0.93 -3.75 24.82
N THR C 235 0.10 -3.08 24.27
CA THR C 235 0.75 -1.97 24.92
C THR C 235 1.45 -1.26 23.80
N PHE C 236 1.92 -0.02 24.04
CA PHE C 236 2.70 0.76 23.11
C PHE C 236 3.98 0.07 22.78
N TYR C 237 4.40 0.19 21.51
CA TYR C 237 5.60 -0.44 21.03
C TYR C 237 6.72 0.48 21.37
N GLN C 238 7.75 -0.06 22.03
CA GLN C 238 8.91 0.69 22.43
C GLN C 238 9.99 -0.30 22.90
N ALA D 3 -16.12 36.29 3.11
CA ALA D 3 -16.68 35.00 3.39
C ALA D 3 -16.83 34.21 2.13
N GLN D 4 -16.59 32.90 2.22
CA GLN D 4 -16.67 31.95 1.14
C GLN D 4 -17.91 31.16 1.45
N VAL D 5 -18.76 30.94 0.43
CA VAL D 5 -20.03 30.31 0.57
C VAL D 5 -19.94 29.13 -0.33
N SER D 6 -20.27 27.93 0.15
CA SER D 6 -19.93 26.71 -0.50
C SER D 6 -21.09 25.79 -0.27
N THR D 7 -21.26 24.74 -1.07
CA THR D 7 -22.38 23.82 -0.96
C THR D 7 -22.07 22.76 0.04
N GLN D 8 -23.10 22.33 0.80
CA GLN D 8 -23.02 21.25 1.75
C GLN D 8 -23.15 19.92 1.08
N LYS D 9 -23.00 18.85 1.87
CA LYS D 9 -23.15 17.49 1.48
C LYS D 9 -24.59 17.13 1.62
N THR D 10 -25.23 16.87 0.47
CA THR D 10 -26.64 16.88 0.31
C THR D 10 -27.02 15.51 -0.15
N GLY D 11 -28.14 14.99 0.37
CA GLY D 11 -28.60 13.66 0.11
C GLY D 11 -30.13 13.69 0.11
N ALA D 12 -29.23 13.79 -3.13
CA ALA D 12 -29.36 12.52 -3.87
C ALA D 12 -30.65 12.50 -4.61
N HIS D 13 -31.81 12.55 -3.91
CA HIS D 13 -33.03 13.02 -4.50
C HIS D 13 -33.77 13.92 -3.49
N ILE D 24 -31.92 25.93 3.19
CA ILE D 24 -31.05 25.92 1.98
C ILE D 24 -29.93 24.91 2.15
N ILE D 25 -29.00 24.88 1.18
CA ILE D 25 -27.93 23.93 1.13
C ILE D 25 -26.70 24.72 0.79
N HIS D 26 -26.37 25.69 1.66
CA HIS D 26 -25.17 26.46 1.55
C HIS D 26 -24.64 26.57 2.93
N TYR D 27 -23.36 26.95 3.07
CA TYR D 27 -22.78 27.17 4.35
C TYR D 27 -21.75 28.20 4.09
N THR D 28 -21.44 29.02 5.12
CA THR D 28 -20.54 30.14 4.99
C THR D 28 -19.35 29.77 5.81
N ASN D 29 -18.15 30.06 5.28
CA ASN D 29 -16.90 29.77 5.93
C ASN D 29 -16.10 31.04 5.82
N ILE D 30 -15.51 31.48 6.95
CA ILE D 30 -14.66 32.63 7.01
C ILE D 30 -13.43 32.10 7.66
N ASN D 31 -12.23 32.45 7.15
CA ASN D 31 -10.99 32.03 7.74
C ASN D 31 -10.53 33.14 8.62
N TYR D 32 -10.14 32.83 9.87
CA TYR D 32 -9.91 33.83 10.89
C TYR D 32 -8.46 34.00 11.17
N TYR D 33 -7.58 33.11 10.65
CA TYR D 33 -6.19 33.05 11.05
C TYR D 33 -5.35 33.46 9.90
N LYS D 34 -4.06 33.74 10.19
CA LYS D 34 -3.16 34.29 9.21
C LYS D 34 -2.35 33.21 8.55
N ASP D 35 -2.51 31.95 8.96
CA ASP D 35 -1.81 30.83 8.36
C ASP D 35 -2.85 30.02 7.68
N ALA D 36 -2.44 29.34 6.60
CA ALA D 36 -3.33 28.57 5.77
C ALA D 36 -3.29 27.15 6.20
N ALA D 37 -2.57 26.86 7.30
CA ALA D 37 -2.48 25.57 7.90
C ALA D 37 -3.42 25.52 9.06
N SER D 38 -4.18 26.62 9.31
CA SER D 38 -5.12 26.70 10.38
C SER D 38 -6.50 26.55 9.83
N ASN D 39 -6.65 26.53 8.50
CA ASN D 39 -7.91 26.35 7.83
C ASN D 39 -8.43 24.96 8.09
N SER D 40 -9.77 24.81 8.17
CA SER D 40 -10.42 23.53 8.33
C SER D 40 -10.17 22.68 7.12
N ALA D 41 -10.12 21.34 7.32
CA ALA D 41 -9.75 20.38 6.32
C ALA D 41 -10.64 20.39 5.12
N ASN D 42 -10.06 20.13 3.92
CA ASN D 42 -10.82 19.92 2.71
C ASN D 42 -11.50 18.59 2.81
N ARG D 43 -12.72 18.48 2.27
CA ARG D 43 -13.47 17.26 2.31
C ARG D 43 -14.43 17.34 1.17
N GLN D 44 -14.29 18.35 0.29
CA GLN D 44 -15.19 18.60 -0.79
C GLN D 44 -14.51 18.29 -2.08
N ASP D 45 -13.23 17.82 -2.04
CA ASP D 45 -12.47 17.46 -3.21
C ASP D 45 -12.66 15.99 -3.39
N PHE D 46 -13.26 15.59 -4.52
CA PHE D 46 -13.60 14.21 -4.80
C PHE D 46 -12.96 13.80 -6.09
N THR D 47 -11.94 14.56 -6.55
CA THR D 47 -11.20 14.28 -7.77
C THR D 47 -10.52 12.94 -7.71
N GLN D 48 -10.36 12.28 -8.87
CA GLN D 48 -9.80 10.96 -8.95
C GLN D 48 -9.01 10.91 -10.21
N ASP D 49 -8.24 9.82 -10.36
CA ASP D 49 -7.58 9.48 -11.59
C ASP D 49 -7.16 8.04 -11.39
N PRO D 50 -7.98 7.03 -11.66
CA PRO D 50 -7.63 5.66 -11.34
C PRO D 50 -6.60 5.12 -12.26
N SER D 51 -6.58 5.61 -13.52
CA SER D 51 -5.79 5.05 -14.59
C SER D 51 -4.35 5.47 -14.50
N LYS D 52 -3.62 4.87 -13.54
CA LYS D 52 -2.20 4.95 -13.45
C LYS D 52 -1.79 3.96 -12.42
N PHE D 53 -2.77 3.33 -11.74
CA PHE D 53 -2.53 2.17 -10.91
C PHE D 53 -3.28 1.05 -11.55
N THR D 54 -4.22 1.39 -12.46
CA THR D 54 -5.22 0.49 -12.96
C THR D 54 -4.88 0.19 -14.38
N GLU D 55 -4.35 1.18 -15.13
CA GLU D 55 -3.97 1.00 -16.51
C GLU D 55 -2.64 1.67 -16.72
N PRO D 56 -1.53 1.23 -16.14
CA PRO D 56 -0.28 1.94 -16.23
C PRO D 56 0.45 1.70 -17.54
N VAL D 57 -0.07 0.88 -18.47
CA VAL D 57 0.59 0.49 -19.70
C VAL D 57 0.90 1.64 -20.62
N LYS D 58 2.04 1.53 -21.33
CA LYS D 58 2.57 2.48 -22.26
C LYS D 58 1.70 2.68 -23.46
N ASP D 59 1.21 1.56 -24.05
CA ASP D 59 0.40 1.60 -25.23
C ASP D 59 -0.97 1.27 -24.75
N VAL D 60 -1.97 2.03 -25.24
CA VAL D 60 -3.36 1.91 -24.85
C VAL D 60 -3.86 0.56 -25.21
N MET D 61 -4.61 -0.08 -24.29
CA MET D 61 -5.29 -1.32 -24.56
C MET D 61 -6.73 -0.97 -24.61
N ILE D 62 -7.38 -1.35 -25.73
CA ILE D 62 -8.76 -1.12 -25.97
C ILE D 62 -9.42 -2.35 -25.44
N LYS D 63 -10.53 -2.16 -24.69
CA LYS D 63 -11.23 -3.20 -23.98
C LYS D 63 -11.75 -4.30 -24.87
N SER D 64 -12.31 -3.93 -26.03
CA SER D 64 -13.01 -4.82 -26.92
C SER D 64 -12.10 -5.66 -27.76
N LEU D 65 -10.81 -5.27 -27.87
CA LEU D 65 -9.82 -5.98 -28.63
C LEU D 65 -9.16 -6.96 -27.70
N PRO D 66 -8.61 -8.08 -28.16
CA PRO D 66 -7.71 -8.91 -27.36
C PRO D 66 -6.50 -8.12 -26.94
N ALA D 67 -6.00 -8.35 -25.71
CA ALA D 67 -4.85 -7.69 -25.15
C ALA D 67 -3.58 -7.99 -25.91
N LEU D 68 -3.39 -9.26 -26.31
CA LEU D 68 -2.19 -9.71 -26.96
C LEU D 68 -2.60 -10.13 -28.33
N ASN D 69 -2.15 -9.36 -29.36
CA ASN D 69 -2.49 -9.63 -30.73
C ASN D 69 -1.45 -10.62 -31.27
#